data_6OJT
#
_entry.id   6OJT
#
_cell.length_a   181.909
_cell.length_b   181.909
_cell.length_c   96.431
_cell.angle_alpha   90.00
_cell.angle_beta   90.00
_cell.angle_gamma   120.00
#
_symmetry.space_group_name_H-M   'P 32 2 1'
#
loop_
_entity.id
_entity.type
_entity.pdbx_description
1 polymer 'Lignostilbene-alpha,beta-dioxygenase isozyme I'
2 non-polymer 4-Hydroxyazobenzene
3 non-polymer 'FE (III) ION'
4 water water
#
_entity_poly.entity_id   1
_entity_poly.type   'polypeptide(L)'
_entity_poly.pdbx_seq_one_letter_code
;AHFPQTPGFSGTLRPLRIEGDILDIEIEGEVPPQLNGTFHRVHPDAQFPPRFEDDQFFNGDGMVSLFRFHDGKIDFRQRY
AQTDKWKVERKAGKSLFGAYRNPLTDDASVQGMIRGTANTNVMVHAGKLYAMKEDSPCLIMDPLTLETEGYTNFDGKLQS
QTFCAHPKIDPVTGNLCAFAYGAKGLMTLDMAYIEISPTGKLLKEIPFQNPYYCMMHDFGVTEDYAVFAVMPLLSSWDRL
EQRLPFFGFDTTLPCYLGILPRNGDARDLRWFKTGNCFVGHVMNAFNDGTKVHIDMPVSRNNSFPFFDVHGAPFDPVAGQ
GFLTRWTVDMASNGDSFEKTERLFDRPDEFPRIDERYATRAYRHGWMLILDTEKPYEAPGGAFYALTNTLGHIDLATGKS
SSWWAGPRCAIQEPCFIPRSPDAPEGDGYVIALVDDHVANYSDLAIFDAQHVDQGPIARAKLPVRIRQGLHGNWADASRL
A
;
_entity_poly.pdbx_strand_id   B,A
#
# COMPACT_ATOMS: atom_id res chain seq x y z
N ALA A 1 8.88 -12.84 8.22
CA ALA A 1 7.57 -13.46 7.96
C ALA A 1 6.73 -13.52 9.23
N HIS A 2 7.32 -13.97 10.32
CA HIS A 2 6.61 -14.16 11.59
C HIS A 2 7.05 -13.07 12.56
N PHE A 3 6.23 -12.04 12.69
CA PHE A 3 6.45 -10.99 13.66
C PHE A 3 5.87 -11.41 15.02
N PRO A 4 6.47 -10.95 16.12
CA PRO A 4 5.94 -11.31 17.45
C PRO A 4 4.50 -10.86 17.62
N GLN A 5 3.72 -11.71 18.30
CA GLN A 5 2.31 -11.42 18.53
C GLN A 5 2.11 -10.53 19.76
N THR A 6 3.07 -9.65 20.02
CA THR A 6 2.99 -8.69 21.11
C THR A 6 2.18 -7.47 20.67
N PRO A 7 1.69 -6.67 21.62
CA PRO A 7 0.95 -5.45 21.23
C PRO A 7 1.76 -4.49 20.38
N GLY A 8 3.09 -4.50 20.50
CA GLY A 8 3.93 -3.61 19.72
C GLY A 8 3.89 -3.85 18.23
N PHE A 9 3.35 -4.98 17.78
CA PHE A 9 3.25 -5.30 16.37
C PHE A 9 1.83 -5.69 15.96
N SER A 10 0.86 -5.55 16.85
CA SER A 10 -0.54 -5.86 16.58
C SER A 10 -1.36 -4.57 16.54
N GLY A 11 -2.61 -4.71 16.11
CA GLY A 11 -3.53 -3.59 16.14
C GLY A 11 -3.06 -2.45 15.25
N THR A 12 -3.12 -1.23 15.78
CA THR A 12 -2.68 -0.06 15.03
C THR A 12 -1.17 -0.02 14.85
N LEU A 13 -0.42 -0.75 15.68
CA LEU A 13 1.02 -0.83 15.55
C LEU A 13 1.46 -1.99 14.66
N ARG A 14 0.60 -2.45 13.76
CA ARG A 14 0.96 -3.56 12.88
C ARG A 14 2.06 -3.13 11.92
N PRO A 15 2.88 -4.08 11.47
CA PRO A 15 3.90 -3.74 10.47
C PRO A 15 3.26 -3.31 9.16
N LEU A 16 3.84 -2.28 8.55
CA LEU A 16 3.38 -1.81 7.25
C LEU A 16 4.34 -2.30 6.17
N ARG A 17 5.54 -1.70 6.11
CA ARG A 17 6.66 -2.21 5.32
C ARG A 17 6.40 -2.17 3.81
N ILE A 18 5.55 -1.25 3.35
CA ILE A 18 5.22 -1.15 1.94
C ILE A 18 5.79 0.13 1.37
N GLU A 19 6.71 0.00 0.42
CA GLU A 19 7.18 1.12 -0.38
C GLU A 19 6.39 1.15 -1.69
N GLY A 20 6.09 2.35 -2.17
CA GLY A 20 5.31 2.46 -3.39
C GLY A 20 5.01 3.89 -3.74
N ASP A 21 4.06 4.07 -4.65
CA ASP A 21 3.71 5.38 -5.18
C ASP A 21 2.21 5.45 -5.46
N ILE A 22 1.68 6.66 -5.48
CA ILE A 22 0.31 6.96 -5.90
C ILE A 22 0.33 8.29 -6.64
N LEU A 23 -0.13 8.27 -7.89
CA LEU A 23 -0.17 9.48 -8.72
C LEU A 23 -1.54 10.13 -8.61
N ASP A 24 -1.56 11.41 -8.26
CA ASP A 24 -2.79 12.17 -8.05
C ASP A 24 -3.65 11.53 -6.98
N ILE A 25 -3.36 11.84 -5.71
CA ILE A 25 -4.11 11.26 -4.61
C ILE A 25 -5.57 11.72 -4.67
N GLU A 26 -6.46 10.85 -4.24
CA GLU A 26 -7.87 11.23 -4.09
C GLU A 26 -7.98 12.42 -3.15
N ILE A 27 -8.68 13.46 -3.60
CA ILE A 27 -8.82 14.69 -2.84
C ILE A 27 -10.28 14.91 -2.52
N GLU A 28 -10.62 14.95 -1.22
CA GLU A 28 -11.90 15.42 -0.76
C GLU A 28 -11.76 16.89 -0.40
N GLY A 29 -12.57 17.74 -1.02
CA GLY A 29 -12.38 19.16 -0.93
C GLY A 29 -11.43 19.64 -2.02
N GLU A 30 -10.80 20.78 -1.75
CA GLU A 30 -9.87 21.38 -2.70
C GLU A 30 -8.57 21.71 -2.00
N VAL A 31 -7.46 21.33 -2.62
CA VAL A 31 -6.12 21.65 -2.14
C VAL A 31 -5.80 23.09 -2.53
N PRO A 32 -5.22 23.89 -1.64
CA PRO A 32 -4.82 25.26 -2.00
C PRO A 32 -3.98 25.28 -3.26
N PRO A 33 -4.48 25.92 -4.33
CA PRO A 33 -3.81 25.81 -5.63
C PRO A 33 -2.44 26.46 -5.69
N GLN A 34 -2.14 27.41 -4.81
CA GLN A 34 -0.85 28.08 -4.86
C GLN A 34 0.27 27.25 -4.21
N LEU A 35 -0.08 26.20 -3.47
CA LEU A 35 0.93 25.40 -2.80
C LEU A 35 1.74 24.61 -3.81
N ASN A 36 3.06 24.60 -3.61
CA ASN A 36 3.97 23.91 -4.52
C ASN A 36 5.22 23.58 -3.72
N GLY A 37 5.35 22.31 -3.33
CA GLY A 37 6.45 21.93 -2.47
C GLY A 37 6.35 20.49 -2.04
N THR A 38 7.06 20.16 -0.96
CA THR A 38 7.21 18.79 -0.48
C THR A 38 6.95 18.73 1.01
N PHE A 39 6.15 17.74 1.43
CA PHE A 39 5.98 17.41 2.84
C PHE A 39 6.58 16.03 3.08
N HIS A 40 7.65 15.98 3.88
CA HIS A 40 8.32 14.73 4.20
C HIS A 40 8.02 14.34 5.65
N ARG A 41 7.76 13.05 5.86
CA ARG A 41 7.64 12.51 7.20
C ARG A 41 8.22 11.11 7.22
N VAL A 42 8.30 10.52 8.41
CA VAL A 42 8.99 9.25 8.56
C VAL A 42 8.41 8.50 9.74
N HIS A 43 8.33 7.18 9.62
CA HIS A 43 7.87 6.34 10.72
C HIS A 43 8.78 5.13 10.87
N PRO A 44 8.87 4.58 12.09
CA PRO A 44 9.62 3.34 12.26
C PRO A 44 8.86 2.16 11.70
N ASP A 45 9.58 1.25 11.04
CA ASP A 45 8.96 0.12 10.38
C ASP A 45 10.00 -0.97 10.13
N ALA A 46 10.25 -1.81 11.13
CA ALA A 46 11.27 -2.86 11.03
C ALA A 46 11.06 -3.70 9.77
N GLN A 47 12.13 -3.81 8.97
CA GLN A 47 12.04 -4.52 7.69
C GLN A 47 11.76 -6.01 7.90
N PHE A 48 12.41 -6.61 8.91
CA PHE A 48 12.20 -8.01 9.23
C PHE A 48 11.79 -8.13 10.69
N PRO A 49 11.32 -9.30 11.14
CA PRO A 49 11.03 -9.46 12.57
C PRO A 49 12.26 -9.22 13.40
N PRO A 50 12.10 -8.72 14.62
CA PRO A 50 13.26 -8.41 15.46
C PRO A 50 13.94 -9.67 15.97
N ARG A 51 15.12 -9.45 16.56
CA ARG A 51 15.84 -10.54 17.22
C ARG A 51 15.29 -10.82 18.61
N PHE A 52 14.79 -9.79 19.30
CA PHE A 52 14.20 -9.92 20.63
C PHE A 52 12.74 -9.47 20.55
N GLU A 53 11.84 -10.34 21.01
CA GLU A 53 10.40 -10.14 20.85
C GLU A 53 9.89 -8.90 21.57
N ASP A 54 10.69 -8.28 22.44
CA ASP A 54 10.31 -7.08 23.17
C ASP A 54 10.85 -5.80 22.53
N ASP A 55 11.15 -5.84 21.23
CA ASP A 55 11.75 -4.71 20.53
C ASP A 55 10.91 -3.45 20.70
N GLN A 56 11.59 -2.32 20.93
CA GLN A 56 10.92 -1.05 21.17
C GLN A 56 10.39 -0.47 19.86
N PHE A 57 9.51 0.52 20.00
CA PHE A 57 8.94 1.20 18.83
C PHE A 57 10.00 1.99 18.08
N PHE A 58 10.94 2.60 18.80
CA PHE A 58 11.95 3.45 18.17
C PHE A 58 13.03 2.69 17.43
N ASN A 59 12.97 1.36 17.42
CA ASN A 59 14.04 0.57 16.83
C ASN A 59 13.74 0.09 15.41
N GLY A 60 12.55 0.40 14.89
CA GLY A 60 12.20 -0.04 13.55
C GLY A 60 12.90 0.78 12.48
N ASP A 61 13.20 0.12 11.36
CA ASP A 61 13.81 0.79 10.22
C ASP A 61 12.96 1.96 9.74
N GLY A 62 13.63 2.99 9.21
CA GLY A 62 12.94 4.21 8.83
C GLY A 62 12.24 4.09 7.50
N MET A 63 10.96 4.47 7.46
CA MET A 63 10.16 4.50 6.25
C MET A 63 9.77 5.96 5.99
N VAL A 64 10.23 6.51 4.87
CA VAL A 64 10.08 7.92 4.55
C VAL A 64 8.95 8.08 3.55
N SER A 65 8.04 9.01 3.82
CA SER A 65 6.92 9.33 2.96
C SER A 65 7.05 10.77 2.47
N LEU A 66 6.86 10.95 1.17
CA LEU A 66 6.87 12.25 0.51
C LEU A 66 5.50 12.52 -0.10
N PHE A 67 4.92 13.68 0.24
CA PHE A 67 3.73 14.20 -0.41
C PHE A 67 4.15 15.43 -1.21
N ARG A 68 4.10 15.33 -2.53
CA ARG A 68 4.45 16.45 -3.39
C ARG A 68 3.19 17.23 -3.76
N PHE A 69 3.13 18.48 -3.32
CA PHE A 69 2.06 19.41 -3.66
C PHE A 69 2.45 20.16 -4.93
N HIS A 70 1.54 20.20 -5.90
CA HIS A 70 1.74 21.01 -7.10
C HIS A 70 0.40 21.23 -7.78
N ASP A 71 0.02 22.49 -7.96
CA ASP A 71 -1.13 22.88 -8.78
C ASP A 71 -2.42 22.20 -8.30
N GLY A 72 -2.60 22.15 -6.99
CA GLY A 72 -3.77 21.55 -6.40
C GLY A 72 -3.81 20.03 -6.40
N LYS A 73 -2.75 19.37 -6.89
CA LYS A 73 -2.66 17.93 -6.85
C LYS A 73 -1.55 17.51 -5.89
N ILE A 74 -1.70 16.32 -5.30
CA ILE A 74 -0.72 15.78 -4.37
C ILE A 74 -0.35 14.37 -4.83
N ASP A 75 0.94 14.13 -5.00
CA ASP A 75 1.46 12.80 -5.30
C ASP A 75 2.08 12.19 -4.05
N PHE A 76 1.96 10.87 -3.92
CA PHE A 76 2.47 10.14 -2.76
C PHE A 76 3.61 9.22 -3.19
N ARG A 77 4.70 9.26 -2.44
CA ARG A 77 5.77 8.29 -2.62
C ARG A 77 6.23 7.84 -1.24
N GLN A 78 6.61 6.57 -1.12
CA GLN A 78 7.07 6.04 0.16
C GLN A 78 8.19 5.03 -0.10
N ARG A 79 9.31 5.20 0.59
CA ARG A 79 10.46 4.33 0.38
C ARG A 79 11.18 4.11 1.69
N TYR A 80 11.86 2.96 1.77
CA TYR A 80 12.75 2.71 2.90
C TYR A 80 14.01 3.57 2.77
N ALA A 81 14.44 4.15 3.87
CA ALA A 81 15.74 4.81 3.93
C ALA A 81 16.82 3.72 3.99
N GLN A 82 17.63 3.63 2.94
CA GLN A 82 18.57 2.52 2.79
C GLN A 82 19.82 2.79 3.63
N THR A 83 19.64 2.72 4.94
CA THR A 83 20.76 2.81 5.87
C THR A 83 21.68 1.60 5.72
N ASP A 84 22.86 1.71 6.30
CA ASP A 84 23.79 0.58 6.30
C ASP A 84 23.16 -0.64 6.95
N LYS A 85 22.48 -0.44 8.08
CA LYS A 85 21.74 -1.51 8.75
C LYS A 85 20.71 -2.13 7.82
N TRP A 86 19.91 -1.29 7.15
CA TRP A 86 18.87 -1.80 6.27
C TRP A 86 19.47 -2.60 5.12
N LYS A 87 20.52 -2.09 4.48
CA LYS A 87 21.16 -2.79 3.37
C LYS A 87 21.70 -4.14 3.82
N VAL A 88 22.45 -4.17 4.92
CA VAL A 88 23.08 -5.42 5.35
C VAL A 88 22.02 -6.43 5.77
N GLU A 89 20.94 -5.97 6.40
CA GLU A 89 19.90 -6.90 6.82
C GLU A 89 19.11 -7.43 5.63
N ARG A 90 18.89 -6.60 4.61
CA ARG A 90 18.25 -7.09 3.40
C ARG A 90 19.12 -8.12 2.70
N LYS A 91 20.43 -7.87 2.63
CA LYS A 91 21.33 -8.88 2.07
C LYS A 91 21.28 -10.18 2.88
N ALA A 92 21.11 -10.07 4.20
CA ALA A 92 21.03 -11.26 5.04
C ALA A 92 19.65 -11.88 5.05
N GLY A 93 18.60 -11.11 4.74
CA GLY A 93 17.25 -11.63 4.77
C GLY A 93 16.64 -11.77 6.14
N LYS A 94 17.36 -11.37 7.20
CA LYS A 94 16.84 -11.42 8.55
C LYS A 94 17.42 -10.24 9.33
N SER A 95 16.98 -10.09 10.57
CA SER A 95 17.46 -9.00 11.42
C SER A 95 18.80 -9.36 12.04
N LEU A 96 19.79 -8.49 11.86
CA LEU A 96 21.12 -8.72 12.39
C LEU A 96 21.45 -7.88 13.60
N PHE A 97 20.91 -6.67 13.70
CA PHE A 97 21.16 -5.82 14.86
C PHE A 97 20.19 -6.17 15.98
N GLY A 98 20.67 -6.04 17.21
CA GLY A 98 19.91 -6.47 18.38
C GLY A 98 18.96 -5.41 18.91
N ALA A 99 18.85 -5.32 20.23
CA ALA A 99 17.88 -4.43 20.83
C ALA A 99 18.28 -2.97 20.64
N TYR A 100 17.34 -2.08 20.97
CA TYR A 100 17.47 -0.64 20.79
C TYR A 100 18.74 -0.10 21.45
N ARG A 101 19.68 0.39 20.64
CA ARG A 101 20.90 1.05 21.11
C ARG A 101 21.78 0.12 21.94
N ASN A 102 21.73 -1.18 21.66
CA ASN A 102 22.45 -2.19 22.44
C ASN A 102 23.31 -3.04 21.51
N PRO A 103 24.53 -2.59 21.21
CA PRO A 103 25.40 -3.38 20.32
C PRO A 103 25.88 -4.68 20.94
N LEU A 104 25.75 -4.84 22.27
CA LEU A 104 26.11 -6.10 22.91
C LEU A 104 25.18 -7.24 22.52
N THR A 105 24.05 -6.93 21.87
CA THR A 105 23.10 -7.93 21.41
C THR A 105 23.12 -8.11 19.91
N ASP A 106 24.06 -7.47 19.21
CA ASP A 106 24.16 -7.56 17.77
C ASP A 106 24.80 -8.89 17.35
N ASP A 107 24.52 -9.29 16.12
CA ASP A 107 25.19 -10.43 15.52
C ASP A 107 26.62 -10.06 15.14
N ALA A 108 27.50 -11.06 15.15
CA ALA A 108 28.92 -10.81 14.90
C ALA A 108 29.17 -10.27 13.50
N SER A 109 28.25 -10.50 12.56
CA SER A 109 28.49 -10.09 11.18
C SER A 109 28.41 -8.57 11.00
N VAL A 110 27.74 -7.86 11.90
CA VAL A 110 27.55 -6.42 11.75
C VAL A 110 28.29 -5.64 12.84
N GLN A 111 29.26 -6.27 13.51
CA GLN A 111 29.97 -5.58 14.58
C GLN A 111 30.74 -4.40 14.04
N GLY A 112 30.54 -3.23 14.68
CA GLY A 112 31.18 -2.01 14.27
C GLY A 112 30.41 -1.17 13.28
N MET A 113 29.30 -1.70 12.74
CA MET A 113 28.53 -0.97 11.74
C MET A 113 27.65 0.10 12.41
N ILE A 114 27.13 0.99 11.59
CA ILE A 114 26.29 2.09 12.06
C ILE A 114 24.86 1.55 12.23
N ARG A 115 24.41 1.45 13.48
CA ARG A 115 23.14 0.84 13.81
C ARG A 115 21.95 1.80 13.66
N GLY A 116 22.13 2.93 12.98
CA GLY A 116 21.04 3.88 12.86
C GLY A 116 19.97 3.42 11.88
N THR A 117 18.72 3.76 12.19
CA THR A 117 17.59 3.46 11.33
C THR A 117 17.04 4.67 10.59
N ALA A 118 17.53 5.88 10.90
CA ALA A 118 17.09 7.11 10.23
C ALA A 118 15.58 7.25 10.24
N ASN A 119 14.95 6.93 11.38
CA ASN A 119 13.50 6.84 11.47
C ASN A 119 12.87 7.98 12.26
N THR A 120 13.62 9.02 12.59
CA THR A 120 13.12 10.04 13.52
C THR A 120 12.75 11.35 12.86
N ASN A 121 13.56 11.86 11.93
CA ASN A 121 13.21 13.09 11.26
C ASN A 121 13.77 13.08 9.85
N VAL A 122 13.10 13.83 8.97
CA VAL A 122 13.49 14.01 7.58
C VAL A 122 13.23 15.46 7.21
N MET A 123 14.27 16.16 6.73
CA MET A 123 14.16 17.58 6.45
C MET A 123 14.96 17.94 5.21
N VAL A 124 14.37 18.77 4.35
CA VAL A 124 15.05 19.20 3.14
C VAL A 124 16.04 20.31 3.50
N HIS A 125 17.31 20.11 3.15
CA HIS A 125 18.33 21.12 3.36
C HIS A 125 19.41 20.97 2.31
N ALA A 126 19.93 22.12 1.85
CA ALA A 126 21.04 22.16 0.88
C ALA A 126 20.74 21.30 -0.35
N GLY A 127 19.49 21.33 -0.79
CA GLY A 127 19.09 20.61 -1.98
C GLY A 127 18.92 19.11 -1.81
N LYS A 128 19.20 18.56 -0.63
CA LYS A 128 19.08 17.14 -0.37
C LYS A 128 18.07 16.93 0.78
N LEU A 129 17.88 15.67 1.17
CA LEU A 129 17.00 15.32 2.27
C LEU A 129 17.83 14.67 3.37
N TYR A 130 17.88 15.32 4.53
CA TYR A 130 18.58 14.80 5.69
C TYR A 130 17.64 13.92 6.49
N ALA A 131 18.00 12.65 6.64
CA ALA A 131 17.29 11.68 7.46
C ALA A 131 18.14 11.38 8.68
N MET A 132 17.54 11.49 9.87
CA MET A 132 18.31 11.64 11.09
C MET A 132 17.91 10.62 12.16
N LYS A 133 18.92 10.12 12.88
CA LYS A 133 18.75 9.26 14.03
C LYS A 133 19.84 9.61 15.03
N GLU A 134 19.46 9.78 16.30
CA GLU A 134 20.36 10.37 17.30
C GLU A 134 21.66 9.59 17.49
N ASP A 135 21.64 8.28 17.25
CA ASP A 135 22.79 7.45 17.57
C ASP A 135 23.69 7.22 16.36
N SER A 136 23.56 8.04 15.32
CA SER A 136 24.20 7.74 14.04
C SER A 136 24.37 9.05 13.27
N PRO A 137 25.28 9.07 12.29
CA PRO A 137 25.46 10.28 11.47
C PRO A 137 24.22 10.59 10.65
N CYS A 138 24.24 11.76 10.03
CA CYS A 138 23.16 12.15 9.14
C CYS A 138 23.20 11.32 7.87
N LEU A 139 22.02 10.87 7.44
CA LEU A 139 21.89 10.13 6.19
C LEU A 139 21.35 11.06 5.11
N ILE A 140 21.90 10.95 3.91
CA ILE A 140 21.56 11.83 2.80
C ILE A 140 20.73 11.04 1.79
N MET A 141 19.61 11.64 1.37
CA MET A 141 18.69 11.05 0.42
C MET A 141 18.27 12.09 -0.60
N ASP A 142 17.67 11.62 -1.69
CA ASP A 142 17.12 12.51 -2.71
C ASP A 142 15.74 12.98 -2.28
N PRO A 143 15.47 14.28 -2.31
CA PRO A 143 14.17 14.77 -1.81
C PRO A 143 12.97 14.30 -2.61
N LEU A 144 13.14 14.01 -3.90
CA LEU A 144 12.01 13.66 -4.77
C LEU A 144 11.91 12.17 -5.10
N THR A 145 13.03 11.51 -5.35
CA THR A 145 13.03 10.08 -5.62
C THR A 145 13.13 9.23 -4.36
N LEU A 146 13.50 9.83 -3.23
CA LEU A 146 13.76 9.13 -1.97
C LEU A 146 14.87 8.10 -2.11
N GLU A 147 15.69 8.20 -3.14
CA GLU A 147 16.89 7.37 -3.25
C GLU A 147 17.85 7.73 -2.13
N THR A 148 18.63 6.73 -1.69
CA THR A 148 19.51 6.91 -0.55
C THR A 148 20.94 7.08 -1.05
N GLU A 149 21.54 8.23 -0.76
CA GLU A 149 22.96 8.44 -1.05
C GLU A 149 23.82 7.83 0.05
N GLY A 150 23.49 8.10 1.31
CA GLY A 150 24.16 7.43 2.41
C GLY A 150 24.62 8.40 3.49
N TYR A 151 25.29 7.83 4.49
CA TYR A 151 25.79 8.65 5.59
C TYR A 151 26.88 9.59 5.11
N THR A 152 26.92 10.79 5.71
CA THR A 152 27.90 11.81 5.36
C THR A 152 28.62 12.30 6.60
N ASN A 153 29.81 12.83 6.37
CA ASN A 153 30.55 13.59 7.38
C ASN A 153 30.79 15.01 6.94
N PHE A 154 30.08 15.46 5.89
CA PHE A 154 30.19 16.81 5.35
C PHE A 154 31.61 17.09 4.86
N ASP A 155 31.96 16.42 3.76
CA ASP A 155 33.24 16.54 3.09
C ASP A 155 34.41 16.12 3.99
N GLY A 156 34.14 15.39 5.06
CA GLY A 156 35.18 14.93 5.96
C GLY A 156 35.41 15.79 7.18
N LYS A 157 34.75 16.95 7.26
CA LYS A 157 35.05 17.91 8.32
C LYS A 157 34.43 17.51 9.66
N LEU A 158 33.19 17.03 9.65
CA LEU A 158 32.46 16.77 10.89
C LEU A 158 33.14 15.68 11.70
N GLN A 159 33.47 16.00 12.95
CA GLN A 159 34.15 15.06 13.83
C GLN A 159 33.20 14.21 14.65
N SER A 160 31.96 14.65 14.82
CA SER A 160 31.02 13.92 15.67
C SER A 160 30.57 12.64 14.99
N GLN A 161 30.45 11.57 15.78
CA GLN A 161 29.96 10.30 15.27
C GLN A 161 28.45 10.29 15.11
N THR A 162 27.74 11.15 15.84
CA THR A 162 26.29 11.19 15.83
C THR A 162 25.80 12.51 15.28
N PHE A 163 24.49 12.63 15.14
CA PHE A 163 23.86 13.82 14.54
C PHE A 163 22.40 13.83 14.98
N CYS A 164 21.97 14.92 15.61
CA CYS A 164 20.65 14.98 16.21
C CYS A 164 19.56 14.92 15.13
N ALA A 165 18.32 14.68 15.59
CA ALA A 165 17.17 14.60 14.71
C ALA A 165 16.22 15.76 14.90
N HIS A 166 16.69 16.87 15.45
CA HIS A 166 15.86 18.05 15.68
C HIS A 166 16.64 19.31 15.35
N PRO A 167 17.07 19.47 14.11
CA PRO A 167 17.78 20.69 13.73
C PRO A 167 16.83 21.86 13.53
N LYS A 168 17.35 23.06 13.74
CA LYS A 168 16.60 24.29 13.55
C LYS A 168 17.23 25.07 12.40
N ILE A 169 16.38 25.76 11.64
CA ILE A 169 16.80 26.53 10.48
C ILE A 169 16.86 28.00 10.89
N ASP A 170 18.04 28.59 10.81
CA ASP A 170 18.19 30.00 11.13
C ASP A 170 17.44 30.85 10.11
N PRO A 171 16.45 31.64 10.53
CA PRO A 171 15.62 32.38 9.56
C PRO A 171 16.33 33.57 8.93
N VAL A 172 17.60 33.80 9.24
CA VAL A 172 18.37 34.88 8.64
C VAL A 172 19.49 34.34 7.76
N THR A 173 20.31 33.44 8.30
CA THR A 173 21.45 32.89 7.56
C THR A 173 21.09 31.66 6.73
N GLY A 174 19.98 31.00 7.03
CA GLY A 174 19.64 29.77 6.33
C GLY A 174 20.42 28.55 6.76
N ASN A 175 21.21 28.65 7.83
CA ASN A 175 22.06 27.56 8.28
C ASN A 175 21.24 26.48 8.98
N LEU A 176 21.67 25.24 8.78
CA LEU A 176 21.17 24.11 9.55
C LEU A 176 21.85 24.13 10.91
N CYS A 177 21.07 24.28 11.98
CA CYS A 177 21.60 24.37 13.34
C CYS A 177 21.20 23.11 14.09
N ALA A 178 22.17 22.25 14.35
CA ALA A 178 21.94 20.95 14.98
C ALA A 178 22.91 20.78 16.15
N PHE A 179 22.85 19.61 16.77
CA PHE A 179 23.76 19.26 17.84
C PHE A 179 24.01 17.75 17.79
N ALA A 180 24.77 17.28 18.77
CA ALA A 180 25.11 15.86 18.83
C ALA A 180 25.46 15.49 20.27
N TYR A 181 24.87 14.41 20.76
CA TYR A 181 25.21 13.83 22.05
C TYR A 181 25.73 12.41 21.86
N GLY A 182 26.64 12.01 22.73
CA GLY A 182 27.41 10.81 22.49
C GLY A 182 28.30 10.93 21.27
N ALA A 183 28.85 12.12 21.03
CA ALA A 183 29.53 12.42 19.78
C ALA A 183 30.82 11.62 19.59
N LYS A 184 31.35 11.01 20.64
CA LYS A 184 32.56 10.21 20.55
C LYS A 184 32.27 8.73 20.83
N GLY A 185 31.07 8.29 20.49
CA GLY A 185 30.64 6.92 20.74
C GLY A 185 29.50 6.87 21.74
N LEU A 186 28.94 5.68 21.86
CA LEU A 186 27.87 5.45 22.84
C LEU A 186 28.40 5.68 24.24
N MET A 187 27.53 6.24 25.09
CA MET A 187 27.80 6.40 26.52
C MET A 187 28.95 7.35 26.81
N THR A 188 29.23 8.28 25.90
CA THR A 188 30.25 9.29 26.08
C THR A 188 29.61 10.64 26.36
N LEU A 189 30.19 11.38 27.29
CA LEU A 189 29.65 12.67 27.70
C LEU A 189 29.88 13.76 26.67
N ASP A 190 30.54 13.45 25.56
CA ASP A 190 30.93 14.47 24.59
C ASP A 190 29.71 14.99 23.83
N MET A 191 29.65 16.30 23.66
CA MET A 191 28.56 16.97 22.97
C MET A 191 29.13 17.93 21.95
N ALA A 192 28.31 18.28 20.96
CA ALA A 192 28.74 19.22 19.95
C ALA A 192 27.56 20.06 19.47
N TYR A 193 27.78 21.35 19.30
CA TYR A 193 26.87 22.21 18.56
C TYR A 193 27.39 22.37 17.14
N ILE A 194 26.48 22.26 16.17
CA ILE A 194 26.85 22.09 14.77
C ILE A 194 26.07 23.06 13.92
N GLU A 195 26.74 23.72 12.97
CA GLU A 195 26.09 24.55 11.97
C GLU A 195 26.56 24.14 10.58
N ILE A 196 25.60 23.92 9.69
CA ILE A 196 25.86 23.55 8.30
C ILE A 196 25.40 24.70 7.42
N SER A 197 26.24 25.06 6.44
CA SER A 197 25.91 26.16 5.54
C SER A 197 24.75 25.75 4.63
N PRO A 198 24.07 26.72 4.02
CA PRO A 198 22.98 26.40 3.08
C PRO A 198 23.45 25.65 1.85
N THR A 199 24.75 25.46 1.67
CA THR A 199 25.29 24.65 0.59
C THR A 199 25.83 23.31 1.09
N GLY A 200 25.62 22.99 2.36
CA GLY A 200 26.03 21.71 2.92
C GLY A 200 27.40 21.69 3.55
N LYS A 201 28.08 22.84 3.65
CA LYS A 201 29.42 22.89 4.19
C LYS A 201 29.38 23.09 5.70
N LEU A 202 30.15 22.28 6.42
CA LEU A 202 30.24 22.43 7.86
C LEU A 202 30.87 23.78 8.22
N LEU A 203 30.18 24.55 9.06
CA LEU A 203 30.66 25.86 9.49
C LEU A 203 31.23 25.84 10.90
N LYS A 204 30.48 25.33 11.88
CA LYS A 204 30.97 25.22 13.24
C LYS A 204 30.68 23.85 13.81
N GLU A 205 31.63 23.34 14.61
CA GLU A 205 31.42 22.13 15.42
C GLU A 205 32.09 22.41 16.77
N ILE A 206 31.32 23.01 17.67
CA ILE A 206 31.82 23.45 18.97
C ILE A 206 31.59 22.32 19.96
N PRO A 207 32.63 21.67 20.47
CA PRO A 207 32.44 20.58 21.43
C PRO A 207 32.39 21.08 22.87
N PHE A 208 31.66 20.32 23.69
CA PHE A 208 31.60 20.57 25.13
C PHE A 208 31.25 19.25 25.82
N GLN A 209 30.97 19.34 27.12
CA GLN A 209 30.68 18.16 27.93
C GLN A 209 29.29 18.27 28.53
N ASN A 210 28.68 17.12 28.79
CA ASN A 210 27.32 17.03 29.30
C ASN A 210 27.32 16.63 30.76
N PRO A 211 26.34 17.11 31.54
CA PRO A 211 26.28 16.71 32.95
C PRO A 211 26.16 15.21 33.17
N TYR A 212 25.32 14.52 32.40
CA TYR A 212 25.15 13.08 32.53
C TYR A 212 25.35 12.42 31.18
N TYR A 213 25.34 11.07 31.20
CA TYR A 213 25.06 10.24 30.04
C TYR A 213 23.55 10.15 29.93
N CYS A 214 22.95 11.12 29.25
CA CYS A 214 21.49 11.22 29.18
C CYS A 214 21.05 11.47 27.75
N MET A 215 19.78 11.19 27.50
CA MET A 215 19.22 11.41 26.17
C MET A 215 19.04 12.90 25.91
N MET A 216 19.61 13.38 24.81
CA MET A 216 19.42 14.75 24.35
C MET A 216 18.67 14.67 23.03
N HIS A 217 17.34 14.58 23.12
CA HIS A 217 16.53 14.36 21.93
C HIS A 217 16.31 15.66 21.15
N ASP A 218 15.93 16.72 21.84
CA ASP A 218 15.66 18.01 21.23
C ASP A 218 16.45 19.09 21.95
N PHE A 219 16.51 20.27 21.34
CA PHE A 219 17.21 21.40 21.94
C PHE A 219 16.63 22.68 21.36
N GLY A 220 17.10 23.81 21.85
CA GLY A 220 16.63 25.11 21.42
C GLY A 220 17.74 25.92 20.80
N VAL A 221 17.35 26.84 19.90
CA VAL A 221 18.28 27.79 19.29
C VAL A 221 17.63 29.16 19.32
N THR A 222 18.36 30.14 19.84
CA THR A 222 17.93 31.54 19.84
C THR A 222 18.83 32.32 18.90
N GLU A 223 18.60 33.64 18.85
CA GLU A 223 19.43 34.49 17.99
C GLU A 223 20.88 34.45 18.43
N ASP A 224 21.15 34.33 19.73
CA ASP A 224 22.49 34.42 20.26
C ASP A 224 22.99 33.14 20.91
N TYR A 225 22.12 32.26 21.38
CA TYR A 225 22.54 31.10 22.15
C TYR A 225 21.93 29.82 21.60
N ALA A 226 22.54 28.71 22.01
CA ALA A 226 21.99 27.37 21.85
C ALA A 226 21.64 26.84 23.23
N VAL A 227 20.44 26.27 23.36
CA VAL A 227 19.88 25.85 24.64
C VAL A 227 19.77 24.33 24.65
N PHE A 228 20.24 23.72 25.73
CA PHE A 228 20.27 22.27 25.88
C PHE A 228 19.55 21.88 27.17
N ALA A 229 18.44 21.17 27.05
CA ALA A 229 17.70 20.68 28.21
C ALA A 229 18.23 19.31 28.60
N VAL A 230 18.76 19.19 29.81
CA VAL A 230 19.35 17.95 30.31
C VAL A 230 18.41 17.37 31.34
N MET A 231 17.82 16.22 31.04
CA MET A 231 17.00 15.51 32.01
C MET A 231 17.63 14.18 32.36
N PRO A 232 17.41 13.68 33.57
CA PRO A 232 18.14 12.48 34.00
C PRO A 232 17.59 11.19 33.42
N LEU A 233 17.28 11.20 32.12
CA LEU A 233 16.96 9.96 31.39
C LEU A 233 18.29 9.28 31.10
N LEU A 234 18.76 8.49 32.06
CA LEU A 234 20.13 8.01 32.07
C LEU A 234 20.29 6.71 31.30
N SER A 235 21.52 6.46 30.89
CA SER A 235 21.92 5.18 30.31
C SER A 235 23.24 4.77 30.97
N SER A 236 23.40 3.47 31.19
CA SER A 236 24.58 2.92 31.83
C SER A 236 25.06 1.71 31.03
N TRP A 237 26.38 1.60 30.85
CA TRP A 237 26.93 0.39 30.24
C TRP A 237 26.56 -0.83 31.09
N ASP A 238 26.50 -0.67 32.41
CA ASP A 238 25.94 -1.70 33.27
C ASP A 238 24.53 -2.09 32.83
N ARG A 239 23.73 -1.09 32.46
CA ARG A 239 22.35 -1.35 32.06
C ARG A 239 22.29 -2.18 30.78
N LEU A 240 23.27 -1.99 29.89
CA LEU A 240 23.36 -2.84 28.71
C LEU A 240 23.83 -4.25 29.08
N GLU A 241 24.80 -4.35 30.01
CA GLU A 241 25.29 -5.66 30.43
C GLU A 241 24.19 -6.47 31.12
N GLN A 242 23.21 -5.81 31.72
CA GLN A 242 22.12 -6.50 32.41
C GLN A 242 20.89 -6.70 31.52
N ARG A 243 21.02 -6.47 30.21
CA ARG A 243 19.94 -6.72 29.25
C ARG A 243 18.67 -5.96 29.64
N LEU A 244 18.84 -4.69 29.97
CA LEU A 244 17.75 -3.79 30.30
C LEU A 244 17.56 -2.76 29.19
N PRO A 245 16.42 -2.06 29.17
CA PRO A 245 16.25 -1.00 28.17
C PRO A 245 17.35 0.04 28.29
N PHE A 246 17.75 0.59 27.13
CA PHE A 246 18.93 1.45 27.09
C PHE A 246 18.76 2.65 28.01
N PHE A 247 17.57 3.21 28.09
CA PHE A 247 17.32 4.40 28.88
C PHE A 247 16.53 4.06 30.15
N GLY A 248 16.63 4.94 31.13
CA GLY A 248 16.01 4.76 32.42
C GLY A 248 16.01 6.06 33.19
N PHE A 249 14.84 6.51 33.61
CA PHE A 249 14.67 7.86 34.14
C PHE A 249 14.82 7.84 35.65
N ASP A 250 15.80 8.60 36.15
CA ASP A 250 16.03 8.73 37.58
C ASP A 250 15.23 9.92 38.10
N THR A 251 14.36 9.68 39.08
CA THR A 251 13.52 10.72 39.65
C THR A 251 14.19 11.49 40.77
N THR A 252 15.43 11.12 41.14
CA THR A 252 16.14 11.81 42.21
C THR A 252 17.08 12.89 41.72
N LEU A 253 17.69 12.71 40.54
CA LEU A 253 18.65 13.67 40.02
C LEU A 253 17.94 14.90 39.45
N PRO A 254 18.62 16.05 39.43
CA PRO A 254 17.98 17.28 38.96
C PRO A 254 18.04 17.40 37.43
N CYS A 255 17.47 18.49 36.94
CA CYS A 255 17.49 18.82 35.52
C CYS A 255 18.35 20.07 35.30
N TYR A 256 19.07 20.10 34.18
CA TYR A 256 19.91 21.24 33.86
C TYR A 256 19.45 21.91 32.58
N LEU A 257 19.88 23.15 32.41
CA LEU A 257 19.65 23.92 31.20
C LEU A 257 20.95 24.62 30.84
N GLY A 258 21.57 24.20 29.74
CA GLY A 258 22.84 24.76 29.31
C GLY A 258 22.64 25.75 28.19
N ILE A 259 23.16 26.96 28.39
CA ILE A 259 23.10 28.02 27.40
C ILE A 259 24.51 28.28 26.92
N LEU A 260 24.71 28.15 25.61
CA LEU A 260 26.02 28.30 24.98
C LEU A 260 25.96 29.40 23.94
N PRO A 261 26.81 30.43 24.01
CA PRO A 261 26.85 31.42 22.93
C PRO A 261 27.22 30.76 21.61
N ARG A 262 26.44 31.08 20.57
CA ARG A 262 26.63 30.40 19.29
C ARG A 262 28.00 30.69 18.68
N ASN A 263 28.53 31.89 18.92
CA ASN A 263 29.88 32.21 18.47
C ASN A 263 30.83 32.23 19.66
N GLY A 264 30.86 31.14 20.41
CA GLY A 264 31.75 30.98 21.56
C GLY A 264 32.30 29.58 21.63
N ASP A 265 32.60 29.08 22.82
CA ASP A 265 33.10 27.73 22.97
C ASP A 265 32.69 27.20 24.36
N ALA A 266 33.28 26.06 24.74
CA ALA A 266 32.86 25.37 25.95
C ALA A 266 33.06 26.23 27.20
N ARG A 267 34.05 27.12 27.19
CA ARG A 267 34.27 27.98 28.36
C ARG A 267 33.09 28.90 28.60
N ASP A 268 32.40 29.30 27.54
CA ASP A 268 31.29 30.24 27.64
C ASP A 268 29.97 29.56 27.99
N LEU A 269 29.96 28.24 28.16
CA LEU A 269 28.74 27.51 28.43
C LEU A 269 28.33 27.71 29.88
N ARG A 270 27.07 28.07 30.10
CA ARG A 270 26.55 28.30 31.45
C ARG A 270 25.44 27.31 31.74
N TRP A 271 25.52 26.65 32.89
CA TRP A 271 24.55 25.64 33.30
C TRP A 271 23.67 26.20 34.41
N PHE A 272 22.36 26.01 34.26
CA PHE A 272 21.38 26.33 35.29
C PHE A 272 20.71 25.05 35.74
N LYS A 273 20.11 25.08 36.93
CA LYS A 273 19.65 23.88 37.60
C LYS A 273 18.20 24.05 38.04
N THR A 274 17.43 22.96 37.99
CA THR A 274 16.03 22.96 38.38
C THR A 274 15.63 21.55 38.79
N GLY A 275 14.40 21.43 39.28
CA GLY A 275 13.94 20.19 39.86
C GLY A 275 13.77 19.08 38.84
N ASN A 276 13.72 17.85 39.36
CA ASN A 276 13.56 16.68 38.52
C ASN A 276 12.23 16.74 37.76
N CYS A 277 12.29 16.34 36.49
CA CYS A 277 11.13 16.35 35.61
C CYS A 277 11.54 15.67 34.30
N PHE A 278 10.60 15.61 33.36
CA PHE A 278 10.80 15.00 32.06
C PHE A 278 10.48 16.04 30.99
N VAL A 279 11.44 16.28 30.10
CA VAL A 279 11.31 17.30 29.06
C VAL A 279 10.96 16.63 27.74
N GLY A 280 10.13 17.30 26.95
CA GLY A 280 9.74 16.81 25.64
C GLY A 280 10.31 17.63 24.50
N HIS A 281 9.56 17.72 23.41
CA HIS A 281 10.05 18.41 22.23
C HIS A 281 10.01 19.92 22.43
N VAL A 282 11.02 20.61 21.89
CA VAL A 282 11.09 22.06 22.01
C VAL A 282 10.19 22.68 20.95
N MET A 283 9.14 23.36 21.40
CA MET A 283 8.31 24.15 20.48
C MET A 283 9.15 25.23 19.80
N ASN A 284 9.70 26.15 20.59
CA ASN A 284 10.62 27.16 20.08
C ASN A 284 11.48 27.65 21.25
N ALA A 285 12.42 28.53 20.95
CA ALA A 285 13.27 29.13 21.97
C ALA A 285 13.78 30.45 21.45
N PHE A 286 13.90 31.43 22.34
CA PHE A 286 14.35 32.75 21.91
C PHE A 286 14.88 33.51 23.11
N ASN A 287 15.71 34.52 22.82
CA ASN A 287 16.31 35.35 23.86
C ASN A 287 15.88 36.80 23.68
N ASP A 288 15.57 37.43 24.81
CA ASP A 288 15.35 38.86 24.91
C ASP A 288 16.52 39.39 25.74
N GLY A 289 17.49 40.01 25.07
CA GLY A 289 18.70 40.41 25.77
C GLY A 289 19.40 39.19 26.32
N THR A 290 19.73 39.23 27.60
CA THR A 290 20.32 38.09 28.27
C THR A 290 19.29 37.08 28.78
N LYS A 291 18.02 37.45 28.79
CA LYS A 291 16.98 36.51 29.20
C LYS A 291 16.72 35.49 28.11
N VAL A 292 16.74 34.21 28.46
CA VAL A 292 16.57 33.13 27.51
C VAL A 292 15.33 32.34 27.90
N HIS A 293 14.36 32.25 26.98
CA HIS A 293 13.15 31.47 27.16
C HIS A 293 13.16 30.27 26.23
N ILE A 294 12.65 29.14 26.73
CA ILE A 294 12.46 27.94 25.92
C ILE A 294 11.13 27.32 26.29
N ASP A 295 10.39 26.87 25.28
CA ASP A 295 9.05 26.32 25.45
C ASP A 295 9.04 24.85 25.09
N MET A 296 8.49 24.03 25.99
CA MET A 296 8.51 22.58 25.79
C MET A 296 7.53 21.90 26.74
N PRO A 297 6.96 20.75 26.36
CA PRO A 297 6.12 20.01 27.32
C PRO A 297 6.98 19.38 28.42
N VAL A 298 6.57 19.60 29.66
CA VAL A 298 7.23 19.05 30.84
C VAL A 298 6.23 18.16 31.57
N SER A 299 6.72 17.07 32.14
CA SER A 299 5.87 16.10 32.81
C SER A 299 6.64 15.52 34.00
N ARG A 300 5.90 14.79 34.85
CA ARG A 300 6.54 14.17 36.01
C ARG A 300 7.49 13.05 35.58
N ASN A 301 7.00 12.12 34.76
CA ASN A 301 7.81 11.03 34.26
C ASN A 301 7.67 10.85 32.75
N ASN A 302 7.70 9.59 32.29
CA ASN A 302 7.64 9.26 30.88
C ASN A 302 6.45 9.90 30.18
N SER A 303 6.72 10.67 29.12
CA SER A 303 5.68 11.39 28.41
C SER A 303 5.05 10.59 27.28
N PHE A 304 5.53 9.37 27.02
CA PHE A 304 4.99 8.56 25.95
C PHE A 304 5.34 7.09 26.19
N PRO A 305 4.40 6.16 26.01
CA PRO A 305 4.73 4.74 26.17
C PRO A 305 5.63 4.22 25.07
N PHE A 306 5.92 5.02 24.04
CA PHE A 306 6.94 4.65 23.06
C PHE A 306 8.26 4.35 23.74
N PHE A 307 8.54 5.05 24.83
CA PHE A 307 9.74 4.84 25.63
C PHE A 307 9.57 3.65 26.57
N ASP A 308 10.60 2.82 26.64
CA ASP A 308 10.69 1.77 27.66
C ASP A 308 11.66 2.27 28.73
N VAL A 309 11.11 2.73 29.84
CA VAL A 309 11.90 3.31 30.93
C VAL A 309 12.04 2.26 32.01
N HIS A 310 13.14 2.31 32.75
CA HIS A 310 13.38 1.33 33.78
C HIS A 310 12.47 1.56 34.98
N GLY A 311 12.13 0.47 35.67
CA GLY A 311 11.25 0.53 36.82
C GLY A 311 9.88 -0.07 36.55
N ALA A 312 8.83 0.71 36.82
CA ALA A 312 7.46 0.28 36.57
C ALA A 312 7.02 0.65 35.16
N PRO A 313 6.08 -0.11 34.58
CA PRO A 313 5.53 0.25 33.26
C PRO A 313 4.85 1.61 33.24
N PHE A 314 4.19 1.94 32.13
CA PHE A 314 3.80 3.32 31.87
C PHE A 314 2.76 3.82 32.87
N ASP A 315 3.06 4.99 33.47
CA ASP A 315 2.14 5.71 34.34
C ASP A 315 1.48 6.82 33.54
N PRO A 316 0.20 6.69 33.17
CA PRO A 316 -0.40 7.67 32.26
C PRO A 316 -0.64 9.03 32.87
N VAL A 317 -0.70 9.14 34.21
CA VAL A 317 -1.00 10.42 34.84
C VAL A 317 0.27 11.21 35.13
N ALA A 318 1.32 10.54 35.60
CA ALA A 318 2.59 11.22 35.77
C ALA A 318 3.20 11.63 34.44
N GLY A 319 2.79 10.97 33.36
CA GLY A 319 3.32 11.25 32.05
C GLY A 319 2.68 12.39 31.29
N GLN A 320 1.66 13.03 31.84
CA GLN A 320 0.99 14.12 31.15
C GLN A 320 1.94 15.32 31.06
N GLY A 321 2.36 15.65 29.86
CA GLY A 321 3.23 16.79 29.63
C GLY A 321 2.42 18.02 29.27
N PHE A 322 2.80 19.15 29.86
CA PHE A 322 2.17 20.43 29.61
C PHE A 322 3.19 21.41 29.05
N LEU A 323 2.78 22.20 28.06
CA LEU A 323 3.66 23.18 27.46
C LEU A 323 4.07 24.22 28.51
N THR A 324 5.38 24.39 28.69
CA THR A 324 5.92 25.18 29.78
C THR A 324 7.06 26.02 29.24
N ARG A 325 7.14 27.26 29.72
CA ARG A 325 8.24 28.17 29.40
C ARG A 325 9.23 28.17 30.57
N TRP A 326 10.48 27.86 30.27
CA TRP A 326 11.59 28.06 31.18
C TRP A 326 12.33 29.33 30.80
N THR A 327 12.73 30.10 31.80
CA THR A 327 13.36 31.39 31.61
C THR A 327 14.55 31.52 32.55
N VAL A 328 15.74 31.64 31.96
CA VAL A 328 16.96 31.91 32.72
C VAL A 328 17.52 33.26 32.27
N ASP A 329 18.53 33.74 32.99
CA ASP A 329 19.16 35.02 32.68
C ASP A 329 20.67 34.84 32.64
N MET A 330 21.26 35.13 31.47
CA MET A 330 22.71 35.04 31.33
C MET A 330 23.46 36.11 32.11
N ALA A 331 22.78 37.13 32.63
CA ALA A 331 23.43 38.21 33.36
C ALA A 331 23.38 38.02 34.87
N SER A 332 22.81 36.93 35.37
CA SER A 332 22.72 36.73 36.81
C SER A 332 23.72 35.66 37.23
N ASN A 333 24.10 35.71 38.49
CA ASN A 333 25.02 34.73 39.02
C ASN A 333 24.29 33.43 39.35
N GLY A 334 25.07 32.42 39.70
CA GLY A 334 24.50 31.16 40.12
C GLY A 334 23.84 30.39 38.99
N ASP A 335 23.12 29.34 39.40
CA ASP A 335 22.45 28.43 38.50
C ASP A 335 20.97 28.33 38.82
N SER A 336 20.33 29.47 39.08
CA SER A 336 18.92 29.51 39.43
C SER A 336 18.11 29.94 38.21
N PHE A 337 16.97 29.28 38.02
CA PHE A 337 16.05 29.71 36.98
C PHE A 337 15.38 31.02 37.38
N GLU A 338 15.13 31.87 36.39
CA GLU A 338 14.37 33.07 36.67
C GLU A 338 12.88 32.78 36.77
N LYS A 339 12.36 31.91 35.90
CA LYS A 339 10.93 31.64 35.92
C LYS A 339 10.65 30.30 35.26
N THR A 340 9.68 29.56 35.80
CA THR A 340 9.07 28.43 35.11
C THR A 340 7.57 28.64 35.14
N GLU A 341 6.93 28.57 33.96
CA GLU A 341 5.53 28.95 33.86
C GLU A 341 4.83 28.02 32.89
N ARG A 342 3.79 27.33 33.37
CA ARG A 342 3.01 26.43 32.52
C ARG A 342 2.12 27.26 31.59
N LEU A 343 2.27 27.03 30.29
CA LEU A 343 1.61 27.85 29.27
C LEU A 343 0.30 27.27 28.77
N PHE A 344 0.05 25.99 28.97
CA PHE A 344 -1.12 25.34 28.40
C PHE A 344 -1.58 24.25 29.35
N ASP A 345 -2.86 24.25 29.70
CA ASP A 345 -3.38 23.43 30.78
C ASP A 345 -3.88 22.06 30.33
N ARG A 346 -3.71 21.71 29.06
CA ARG A 346 -4.12 20.38 28.60
C ARG A 346 -2.90 19.56 28.21
N PRO A 347 -2.90 18.26 28.48
CA PRO A 347 -1.73 17.43 28.13
C PRO A 347 -1.49 17.41 26.64
N ASP A 348 -0.27 17.80 26.24
CA ASP A 348 0.04 18.01 24.84
C ASP A 348 1.46 17.56 24.54
N GLU A 349 1.73 17.39 23.25
CA GLU A 349 3.08 17.07 22.77
C GLU A 349 3.13 17.40 21.28
N PHE A 350 4.27 17.07 20.67
CA PHE A 350 4.54 17.37 19.26
C PHE A 350 4.18 18.80 18.89
N PRO A 351 4.86 19.80 19.46
CA PRO A 351 4.52 21.18 19.18
C PRO A 351 5.13 21.67 17.87
N ARG A 352 4.48 22.67 17.29
CA ARG A 352 4.90 23.20 16.00
C ARG A 352 4.69 24.70 15.97
N ILE A 353 5.53 25.40 15.20
CA ILE A 353 5.46 26.85 15.05
C ILE A 353 5.52 27.22 13.57
N ASP A 354 5.22 28.48 13.30
CA ASP A 354 5.57 29.10 12.03
C ASP A 354 7.09 29.18 11.97
N GLU A 355 7.71 28.23 11.26
CA GLU A 355 9.16 28.10 11.25
C GLU A 355 9.87 29.36 10.77
N ARG A 356 9.15 30.29 10.13
CA ARG A 356 9.75 31.56 9.76
C ARG A 356 10.19 32.36 10.98
N TYR A 357 9.55 32.14 12.12
CA TYR A 357 9.90 32.83 13.36
C TYR A 357 10.72 31.96 14.30
N ALA A 358 11.34 30.89 13.80
CA ALA A 358 12.21 30.08 14.62
C ALA A 358 13.37 30.91 15.16
N THR A 359 13.79 30.60 16.39
CA THR A 359 14.88 31.27 17.11
C THR A 359 14.52 32.69 17.52
N ARG A 360 13.39 33.20 17.05
CA ARG A 360 12.95 34.56 17.33
C ARG A 360 11.68 34.55 18.15
N ALA A 361 11.27 35.74 18.57
CA ALA A 361 10.03 35.88 19.33
C ALA A 361 8.83 35.52 18.45
N TYR A 362 7.86 34.85 19.05
CA TYR A 362 6.72 34.30 18.31
C TYR A 362 5.51 34.27 19.23
N ARG A 363 4.37 33.87 18.68
CA ARG A 363 3.14 33.78 19.46
C ARG A 363 2.24 32.61 19.10
N HIS A 364 2.29 32.10 17.88
CA HIS A 364 1.35 31.07 17.42
C HIS A 364 2.03 29.70 17.47
N GLY A 365 1.36 28.74 18.08
CA GLY A 365 1.88 27.39 18.15
C GLY A 365 0.77 26.38 17.93
N TRP A 366 1.15 25.20 17.45
CA TRP A 366 0.23 24.10 17.25
C TRP A 366 0.75 22.85 17.92
N MET A 367 -0.16 21.94 18.24
CA MET A 367 0.20 20.84 19.12
C MET A 367 -0.79 19.70 18.97
N LEU A 368 -0.37 18.51 19.38
CA LEU A 368 -1.26 17.37 19.54
C LEU A 368 -1.72 17.32 20.99
N ILE A 369 -3.01 17.06 21.18
CA ILE A 369 -3.63 17.11 22.49
C ILE A 369 -4.22 15.74 22.80
N LEU A 370 -3.85 15.20 23.96
CA LEU A 370 -4.33 13.91 24.47
C LEU A 370 -5.62 14.18 25.24
N ASP A 371 -6.74 14.14 24.54
CA ASP A 371 -8.04 14.38 25.16
C ASP A 371 -8.57 13.04 25.65
N THR A 372 -8.44 12.79 26.95
CA THR A 372 -8.87 11.53 27.52
C THR A 372 -10.35 11.49 27.85
N GLU A 373 -11.03 12.63 27.87
CA GLU A 373 -12.46 12.70 28.15
C GLU A 373 -13.31 12.28 26.95
N LYS A 374 -12.69 11.91 25.82
CA LYS A 374 -13.36 11.55 24.58
C LYS A 374 -13.41 10.04 24.41
N PRO A 375 -14.42 9.52 23.71
CA PRO A 375 -14.50 8.09 23.45
C PRO A 375 -13.52 7.65 22.37
N TYR A 376 -13.31 6.33 22.32
CA TYR A 376 -12.41 5.72 21.35
C TYR A 376 -12.91 4.31 21.08
N GLU A 377 -13.51 4.09 19.92
CA GLU A 377 -14.28 2.88 19.65
C GLU A 377 -13.47 1.81 18.91
N ALA A 378 -12.15 1.87 18.98
CA ALA A 378 -11.30 0.93 18.26
C ALA A 378 -10.84 -0.16 19.19
N PRO A 379 -11.09 -1.43 18.87
CA PRO A 379 -10.54 -2.52 19.69
C PRO A 379 -9.07 -2.74 19.40
N GLY A 380 -8.32 -3.09 20.45
CA GLY A 380 -6.90 -3.31 20.32
C GLY A 380 -6.06 -2.44 21.22
N GLY A 381 -6.60 -2.05 22.38
CA GLY A 381 -5.85 -1.23 23.30
C GLY A 381 -5.52 0.12 22.69
N ALA A 382 -4.34 0.63 23.06
CA ALA A 382 -3.80 1.87 22.49
C ALA A 382 -4.66 3.08 22.82
N PHE A 383 -5.23 3.08 24.03
CA PHE A 383 -5.97 4.22 24.55
C PHE A 383 -5.06 5.27 25.17
N TYR A 384 -3.78 4.93 25.39
CA TYR A 384 -2.87 5.71 26.20
C TYR A 384 -2.08 6.73 25.37
N ALA A 385 -1.40 6.28 24.31
CA ALA A 385 -0.69 7.17 23.41
C ALA A 385 -1.59 7.73 22.31
N LEU A 386 -2.86 7.98 22.63
CA LEU A 386 -3.87 8.38 21.65
C LEU A 386 -3.89 9.90 21.54
N THR A 387 -3.21 10.44 20.54
CA THR A 387 -3.21 11.87 20.27
C THR A 387 -4.38 12.16 19.34
N ASN A 388 -5.55 12.41 19.94
CA ASN A 388 -6.79 12.51 19.19
C ASN A 388 -7.25 13.94 18.94
N THR A 389 -6.52 14.94 19.42
CA THR A 389 -6.94 16.32 19.23
C THR A 389 -5.80 17.13 18.62
N LEU A 390 -6.15 18.12 17.79
CA LEU A 390 -5.19 19.06 17.23
C LEU A 390 -5.53 20.45 17.78
N GLY A 391 -4.53 21.12 18.36
CA GLY A 391 -4.78 22.38 19.02
C GLY A 391 -3.88 23.49 18.52
N HIS A 392 -4.43 24.70 18.54
CA HIS A 392 -3.71 25.93 18.22
C HIS A 392 -3.77 26.87 19.42
N ILE A 393 -2.62 27.39 19.82
CA ILE A 393 -2.51 28.28 20.97
C ILE A 393 -1.90 29.60 20.53
N ASP A 394 -2.50 30.69 21.00
CA ASP A 394 -1.94 32.04 20.86
C ASP A 394 -1.25 32.38 22.17
N LEU A 395 0.08 32.39 22.16
CA LEU A 395 0.83 32.65 23.38
C LEU A 395 0.73 34.09 23.84
N ALA A 396 0.40 35.02 22.93
CA ALA A 396 0.28 36.42 23.31
C ALA A 396 -0.97 36.69 24.16
N THR A 397 -1.99 35.85 24.06
CA THR A 397 -3.23 36.04 24.81
C THR A 397 -3.66 34.83 25.62
N GLY A 398 -3.05 33.67 25.44
CA GLY A 398 -3.46 32.46 26.11
C GLY A 398 -4.68 31.79 25.52
N LYS A 399 -5.38 32.45 24.60
CA LYS A 399 -6.53 31.84 23.94
C LYS A 399 -6.07 30.65 23.10
N SER A 400 -6.91 29.61 23.06
CA SER A 400 -6.59 28.42 22.29
C SER A 400 -7.85 27.81 21.72
N SER A 401 -7.71 27.19 20.55
CA SER A 401 -8.78 26.42 19.93
C SER A 401 -8.29 25.00 19.66
N SER A 402 -9.23 24.09 19.41
CA SER A 402 -8.86 22.70 19.19
C SER A 402 -9.86 22.05 18.25
N TRP A 403 -9.52 20.83 17.83
CA TRP A 403 -10.34 20.05 16.91
C TRP A 403 -10.17 18.58 17.22
N TRP A 404 -11.29 17.89 17.41
CA TRP A 404 -11.28 16.45 17.70
C TRP A 404 -11.41 15.67 16.41
N ALA A 405 -10.67 14.58 16.31
CA ALA A 405 -10.65 13.74 15.11
C ALA A 405 -11.72 12.67 15.13
N GLY A 406 -12.56 12.62 16.16
CA GLY A 406 -13.60 11.61 16.25
C GLY A 406 -13.15 10.40 17.02
N PRO A 407 -14.09 9.49 17.31
CA PRO A 407 -13.78 8.31 18.13
C PRO A 407 -13.06 7.22 17.36
N ARG A 408 -12.84 7.39 16.06
CA ARG A 408 -12.19 6.38 15.23
C ARG A 408 -10.76 6.74 14.87
N CYS A 409 -10.39 8.02 14.95
CA CYS A 409 -9.16 8.51 14.36
C CYS A 409 -8.16 8.96 15.41
N ALA A 410 -6.90 9.01 14.99
CA ALA A 410 -5.80 9.60 15.75
C ALA A 410 -5.05 10.55 14.83
N ILE A 411 -4.20 11.40 15.41
CA ILE A 411 -3.49 12.41 14.63
C ILE A 411 -1.99 12.26 14.85
N GLN A 412 -1.23 12.52 13.80
CA GLN A 412 0.23 12.53 13.87
C GLN A 412 0.72 13.98 13.89
N GLU A 413 2.03 14.15 14.03
CA GLU A 413 2.63 15.46 14.23
C GLU A 413 2.22 16.40 13.10
N PRO A 414 1.64 17.55 13.41
CA PRO A 414 1.23 18.51 12.36
C PRO A 414 2.43 19.29 11.83
N CYS A 415 2.14 20.15 10.86
CA CYS A 415 3.18 20.96 10.24
C CYS A 415 2.53 22.17 9.59
N PHE A 416 3.19 23.33 9.73
CA PHE A 416 2.65 24.59 9.26
C PHE A 416 3.19 24.96 7.88
N ILE A 417 2.34 25.64 7.10
CA ILE A 417 2.70 26.18 5.79
C ILE A 417 2.17 27.60 5.71
N PRO A 418 2.97 28.58 5.32
CA PRO A 418 2.44 29.94 5.19
C PRO A 418 1.56 30.05 3.96
N ARG A 419 0.52 30.89 4.07
CA ARG A 419 -0.40 31.08 2.94
C ARG A 419 0.31 31.75 1.77
N SER A 420 1.16 32.73 2.06
CA SER A 420 1.94 33.43 1.04
C SER A 420 3.27 33.80 1.66
N PRO A 421 4.29 34.08 0.84
CA PRO A 421 5.60 34.47 1.40
C PRO A 421 5.54 35.64 2.37
N ASP A 422 4.68 36.63 2.12
CA ASP A 422 4.56 37.80 2.99
C ASP A 422 3.27 37.77 3.80
N ALA A 423 2.94 36.63 4.36
CA ALA A 423 1.75 36.59 5.20
C ALA A 423 2.10 36.81 6.66
N PRO A 424 1.17 37.35 7.44
CA PRO A 424 1.37 37.46 8.90
C PRO A 424 1.73 36.15 9.57
N GLU A 425 2.26 36.23 10.79
CA GLU A 425 2.63 35.03 11.54
C GLU A 425 1.44 34.09 11.69
N GLY A 426 1.67 32.82 11.36
CA GLY A 426 0.64 31.81 11.48
C GLY A 426 -0.53 31.97 10.53
N ASP A 427 -0.36 32.75 9.46
CA ASP A 427 -1.40 32.91 8.46
C ASP A 427 -1.15 31.90 7.34
N GLY A 428 -1.92 30.82 7.35
CA GLY A 428 -1.75 29.80 6.34
C GLY A 428 -2.50 28.52 6.60
N TYR A 429 -1.78 27.40 6.67
CA TYR A 429 -2.38 26.08 6.70
C TYR A 429 -1.62 25.20 7.67
N VAL A 430 -2.32 24.21 8.22
CA VAL A 430 -1.72 23.19 9.07
C VAL A 430 -2.11 21.83 8.52
N ILE A 431 -1.12 21.02 8.16
CA ILE A 431 -1.35 19.69 7.59
C ILE A 431 -0.96 18.64 8.61
N ALA A 432 -1.67 17.51 8.58
CA ALA A 432 -1.40 16.41 9.50
C ALA A 432 -2.04 15.13 9.00
N LEU A 433 -1.40 14.01 9.29
CA LEU A 433 -1.97 12.70 8.97
C LEU A 433 -3.00 12.32 10.02
N VAL A 434 -4.26 12.21 9.61
CA VAL A 434 -5.32 11.69 10.45
C VAL A 434 -5.55 10.24 10.05
N ASP A 435 -5.62 9.36 11.04
CA ASP A 435 -5.62 7.92 10.83
C ASP A 435 -6.89 7.32 11.41
N ASP A 436 -7.75 6.80 10.54
CA ASP A 436 -8.89 5.99 10.94
C ASP A 436 -8.39 4.58 11.23
N HIS A 437 -8.48 4.19 12.51
CA HIS A 437 -7.99 2.91 13.00
C HIS A 437 -9.00 1.79 12.88
N VAL A 438 -10.27 2.11 12.61
CA VAL A 438 -11.28 1.09 12.37
C VAL A 438 -11.27 0.63 10.92
N ALA A 439 -11.34 1.59 9.99
CA ALA A 439 -11.28 1.31 8.57
C ALA A 439 -9.85 1.24 8.04
N ASN A 440 -8.87 1.65 8.85
CA ASN A 440 -7.45 1.63 8.48
C ASN A 440 -7.20 2.47 7.22
N TYR A 441 -7.46 3.76 7.35
CA TYR A 441 -7.20 4.69 6.25
C TYR A 441 -6.53 5.94 6.79
N SER A 442 -5.59 6.50 6.03
CA SER A 442 -4.92 7.74 6.40
C SER A 442 -5.31 8.84 5.42
N ASP A 443 -5.72 9.98 5.98
CA ASP A 443 -5.95 11.19 5.21
C ASP A 443 -4.92 12.24 5.61
N LEU A 444 -4.26 12.83 4.61
CA LEU A 444 -3.46 14.03 4.84
C LEU A 444 -4.42 15.20 4.91
N ALA A 445 -4.80 15.59 6.12
CA ALA A 445 -5.79 16.64 6.34
C ALA A 445 -5.12 18.00 6.35
N ILE A 446 -5.82 18.98 5.80
CA ILE A 446 -5.36 20.36 5.67
C ILE A 446 -6.39 21.24 6.37
N PHE A 447 -5.94 22.02 7.35
CA PHE A 447 -6.74 22.95 8.13
C PHE A 447 -6.26 24.37 7.87
N ASP A 448 -7.14 25.33 8.16
CA ASP A 448 -6.72 26.72 8.30
C ASP A 448 -6.00 26.86 9.63
N ALA A 449 -4.79 27.44 9.60
CA ALA A 449 -3.96 27.49 10.80
C ALA A 449 -4.63 28.28 11.92
N GLN A 450 -5.43 29.29 11.58
CA GLN A 450 -6.08 30.12 12.59
C GLN A 450 -7.46 29.63 12.98
N HIS A 451 -8.04 28.70 12.22
CA HIS A 451 -9.37 28.15 12.52
C HIS A 451 -9.34 26.62 12.38
N VAL A 452 -8.47 25.99 13.18
CA VAL A 452 -8.41 24.53 13.20
C VAL A 452 -9.70 23.93 13.73
N ASP A 453 -10.46 24.69 14.52
CA ASP A 453 -11.74 24.21 15.01
C ASP A 453 -12.75 23.97 13.89
N GLN A 454 -12.57 24.63 12.74
CA GLN A 454 -13.47 24.48 11.60
C GLN A 454 -13.26 23.16 10.86
N GLY A 455 -12.49 22.23 11.43
CA GLY A 455 -12.21 20.98 10.77
C GLY A 455 -11.26 21.15 9.61
N PRO A 456 -10.95 20.06 8.91
CA PRO A 456 -10.05 20.17 7.75
C PRO A 456 -10.74 20.86 6.59
N ILE A 457 -9.97 21.69 5.88
CA ILE A 457 -10.45 22.25 4.62
C ILE A 457 -10.17 21.34 3.44
N ALA A 458 -9.31 20.33 3.62
CA ALA A 458 -9.06 19.39 2.53
C ALA A 458 -8.55 18.08 3.12
N ARG A 459 -8.76 16.99 2.39
CA ARG A 459 -8.23 15.69 2.79
C ARG A 459 -7.67 14.97 1.59
N ALA A 460 -6.39 14.61 1.66
CA ALA A 460 -5.78 13.68 0.70
C ALA A 460 -6.02 12.28 1.22
N LYS A 461 -7.05 11.61 0.70
CA LYS A 461 -7.48 10.32 1.19
C LYS A 461 -6.64 9.20 0.58
N LEU A 462 -5.88 8.50 1.41
CA LEU A 462 -5.06 7.38 0.97
C LEU A 462 -5.80 6.06 1.15
N PRO A 463 -5.53 5.08 0.26
CA PRO A 463 -6.17 3.77 0.39
C PRO A 463 -5.44 2.87 1.37
N VAL A 464 -4.64 3.45 2.25
CA VAL A 464 -3.90 2.71 3.26
C VAL A 464 -3.70 3.61 4.47
N ARG A 465 -3.46 2.99 5.63
CA ARG A 465 -3.22 3.71 6.87
C ARG A 465 -1.72 3.77 7.13
N ILE A 466 -1.19 4.98 7.21
CA ILE A 466 0.23 5.16 7.52
C ILE A 466 0.47 4.90 8.99
N ARG A 467 1.54 4.15 9.29
CA ARG A 467 1.86 3.79 10.66
C ARG A 467 2.14 5.04 11.49
N GLN A 468 2.09 4.88 12.82
CA GLN A 468 2.39 5.98 13.72
C GLN A 468 3.82 6.44 13.47
N GLY A 469 3.97 7.74 13.18
CA GLY A 469 5.24 8.29 12.78
C GLY A 469 5.89 9.13 13.85
N LEU A 470 6.83 9.96 13.42
CA LEU A 470 7.57 10.81 14.34
C LEU A 470 7.52 12.26 13.88
N HIS A 471 8.50 12.69 13.08
CA HIS A 471 8.60 14.08 12.70
C HIS A 471 8.63 14.25 11.19
N GLY A 472 8.00 15.32 10.72
CA GLY A 472 8.05 15.69 9.32
C GLY A 472 8.19 17.19 9.17
N ASN A 473 8.49 17.61 7.94
CA ASN A 473 8.72 19.02 7.65
C ASN A 473 8.22 19.34 6.25
N TRP A 474 7.86 20.61 6.07
CA TRP A 474 7.45 21.15 4.78
C TRP A 474 8.57 22.00 4.18
N ALA A 475 8.70 21.94 2.86
CA ALA A 475 9.68 22.74 2.14
C ALA A 475 9.09 23.22 0.83
N ASP A 476 9.17 24.53 0.58
CA ASP A 476 8.70 25.08 -0.68
C ASP A 476 9.52 24.51 -1.83
N ALA A 477 8.91 24.52 -3.02
CA ALA A 477 9.58 23.99 -4.20
C ALA A 477 10.87 24.74 -4.51
N SER A 478 10.94 26.02 -4.14
CA SER A 478 12.14 26.80 -4.41
C SER A 478 13.36 26.21 -3.71
N ARG A 479 13.14 25.53 -2.58
CA ARG A 479 14.26 24.93 -1.85
C ARG A 479 14.83 23.71 -2.56
N LEU A 480 14.23 23.26 -3.66
CA LEU A 480 14.78 22.16 -4.44
C LEU A 480 15.63 22.65 -5.61
N ALA A 481 16.30 23.78 -5.46
CA ALA A 481 17.17 24.33 -6.49
C ALA A 481 18.52 24.72 -5.89
N ALA B 1 -7.07 12.77 -7.97
CA ALA B 1 -7.94 13.91 -8.23
C ALA B 1 -9.29 13.71 -7.56
N HIS B 2 -10.36 14.05 -8.26
CA HIS B 2 -11.73 13.95 -7.77
C HIS B 2 -12.42 12.82 -8.52
N PHE B 3 -12.51 11.65 -7.90
CA PHE B 3 -13.25 10.54 -8.48
C PHE B 3 -14.74 10.68 -8.15
N PRO B 4 -15.61 10.19 -9.03
CA PRO B 4 -17.05 10.32 -8.78
C PRO B 4 -17.48 9.64 -7.49
N GLN B 5 -18.41 10.26 -6.79
CA GLN B 5 -18.95 9.74 -5.54
C GLN B 5 -20.06 8.72 -5.82
N THR B 6 -19.96 8.03 -6.95
CA THR B 6 -20.92 7.02 -7.33
C THR B 6 -20.57 5.69 -6.64
N PRO B 7 -21.52 4.74 -6.57
CA PRO B 7 -21.20 3.44 -5.97
C PRO B 7 -20.07 2.72 -6.68
N GLY B 8 -19.84 2.98 -7.96
CA GLY B 8 -18.74 2.35 -8.68
C GLY B 8 -17.37 2.72 -8.20
N PHE B 9 -17.23 3.78 -7.40
CA PHE B 9 -15.95 4.21 -6.86
C PHE B 9 -15.98 4.40 -5.35
N SER B 10 -17.07 4.02 -4.69
CA SER B 10 -17.21 4.12 -3.24
C SER B 10 -17.21 2.73 -2.62
N GLY B 11 -17.17 2.71 -1.28
CA GLY B 11 -17.27 1.46 -0.56
C GLY B 11 -16.10 0.54 -0.85
N THR B 12 -16.41 -0.73 -1.08
CA THR B 12 -15.37 -1.71 -1.37
C THR B 12 -14.74 -1.51 -2.74
N LEU B 13 -15.42 -0.82 -3.65
CA LEU B 13 -14.89 -0.54 -4.98
C LEU B 13 -14.13 0.78 -5.04
N ARG B 14 -13.59 1.25 -3.92
CA ARG B 14 -12.85 2.49 -3.93
C ARG B 14 -11.57 2.33 -4.76
N PRO B 15 -11.06 3.43 -5.33
CA PRO B 15 -9.81 3.34 -6.08
C PRO B 15 -8.65 2.99 -5.15
N LEU B 16 -7.76 2.13 -5.66
CA LEU B 16 -6.54 1.78 -4.96
C LEU B 16 -5.37 2.56 -5.58
N ARG B 17 -4.99 2.17 -6.79
CA ARG B 17 -4.07 2.94 -7.64
C ARG B 17 -2.67 3.06 -7.04
N ILE B 18 -2.26 2.10 -6.22
CA ILE B 18 -0.95 2.13 -5.58
C ILE B 18 -0.11 0.99 -6.12
N GLU B 19 0.99 1.32 -6.78
CA GLU B 19 2.01 0.35 -7.14
C GLU B 19 3.09 0.36 -6.07
N GLY B 20 3.65 -0.81 -5.78
CA GLY B 20 4.66 -0.86 -4.75
C GLY B 20 5.14 -2.28 -4.50
N ASP B 21 5.84 -2.46 -3.38
CA ASP B 21 6.44 -3.73 -3.03
C ASP B 21 6.38 -3.95 -1.53
N ILE B 22 6.45 -5.22 -1.15
CA ILE B 22 6.58 -5.65 0.25
C ILE B 22 7.47 -6.88 0.26
N LEU B 23 8.56 -6.83 1.02
CA LEU B 23 9.50 -7.94 1.12
C LEU B 23 9.14 -8.77 2.36
N ASP B 24 8.99 -10.08 2.15
CA ASP B 24 8.64 -11.03 3.20
C ASP B 24 7.33 -10.63 3.89
N ILE B 25 6.20 -11.03 3.30
CA ILE B 25 4.89 -10.69 3.85
C ILE B 25 4.69 -11.37 5.20
N GLU B 26 3.96 -10.70 6.08
CA GLU B 26 3.55 -11.30 7.34
C GLU B 26 2.80 -12.59 7.09
N ILE B 27 3.22 -13.66 7.77
CA ILE B 27 2.63 -14.98 7.60
C ILE B 27 2.04 -15.43 8.92
N GLU B 28 0.73 -15.66 8.92
CA GLU B 28 0.07 -16.38 10.01
C GLU B 28 -0.03 -17.84 9.60
N GLY B 29 0.52 -18.73 10.42
CA GLY B 29 0.65 -20.11 10.01
C GLY B 29 1.97 -20.38 9.31
N GLU B 30 1.97 -21.42 8.48
CA GLU B 30 3.17 -21.84 7.79
C GLU B 30 2.88 -21.96 6.31
N VAL B 31 3.75 -21.38 5.49
CA VAL B 31 3.66 -21.52 4.04
C VAL B 31 4.30 -22.86 3.66
N PRO B 32 3.69 -23.64 2.79
CA PRO B 32 4.31 -24.91 2.34
C PRO B 32 5.73 -24.67 1.86
N PRO B 33 6.72 -25.25 2.54
CA PRO B 33 8.12 -24.91 2.25
C PRO B 33 8.60 -25.34 0.87
N GLN B 34 7.99 -26.35 0.26
CA GLN B 34 8.43 -26.80 -1.06
C GLN B 34 7.92 -25.92 -2.19
N LEU B 35 6.98 -25.03 -1.92
CA LEU B 35 6.46 -24.16 -2.97
C LEU B 35 7.50 -23.15 -3.42
N ASN B 36 7.62 -22.98 -4.73
CA ASN B 36 8.60 -22.06 -5.30
C ASN B 36 8.09 -21.66 -6.68
N GLY B 37 7.57 -20.45 -6.79
CA GLY B 37 6.99 -20.02 -8.05
C GLY B 37 6.34 -18.65 -7.91
N THR B 38 5.47 -18.35 -8.87
CA THR B 38 4.86 -17.03 -8.98
C THR B 38 3.35 -17.17 -9.13
N PHE B 39 2.61 -16.36 -8.37
CA PHE B 39 1.17 -16.24 -8.50
C PHE B 39 0.87 -14.83 -9.01
N HIS B 40 0.34 -14.73 -10.21
CA HIS B 40 0.00 -13.45 -10.81
C HIS B 40 -1.51 -13.27 -10.82
N ARG B 41 -1.97 -12.07 -10.49
CA ARG B 41 -3.37 -11.72 -10.64
C ARG B 41 -3.46 -10.25 -11.05
N VAL B 42 -4.68 -9.78 -11.35
CA VAL B 42 -4.84 -8.46 -11.93
C VAL B 42 -6.22 -7.92 -11.55
N HIS B 43 -6.31 -6.60 -11.34
CA HIS B 43 -7.59 -5.97 -11.09
C HIS B 43 -7.73 -4.69 -11.89
N PRO B 44 -8.96 -4.28 -12.22
CA PRO B 44 -9.15 -2.98 -12.87
C PRO B 44 -8.99 -1.85 -11.86
N ASP B 45 -8.31 -0.78 -12.29
CA ASP B 45 -8.01 0.32 -11.39
C ASP B 45 -7.66 1.55 -12.24
N ALA B 46 -8.69 2.29 -12.64
CA ALA B 46 -8.51 3.47 -13.48
C ALA B 46 -7.46 4.40 -12.88
N GLN B 47 -6.45 4.73 -13.70
CA GLN B 47 -5.35 5.55 -13.22
C GLN B 47 -5.82 6.96 -12.87
N PHE B 48 -6.72 7.52 -13.68
CA PHE B 48 -7.30 8.84 -13.43
C PHE B 48 -8.82 8.68 -13.42
N PRO B 49 -9.57 9.69 -12.95
CA PRO B 49 -11.02 9.59 -13.00
C PRO B 49 -11.49 9.42 -14.43
N PRO B 50 -12.61 8.73 -14.64
CA PRO B 50 -13.09 8.47 -16.01
C PRO B 50 -13.66 9.73 -16.64
N ARG B 51 -13.93 9.63 -17.94
CA ARG B 51 -14.62 10.71 -18.64
C ARG B 51 -16.11 10.72 -18.35
N PHE B 52 -16.70 9.54 -18.14
CA PHE B 52 -18.12 9.40 -17.84
C PHE B 52 -18.27 8.73 -16.49
N GLU B 53 -19.04 9.37 -15.59
CA GLU B 53 -19.12 8.92 -14.21
C GLU B 53 -19.72 7.53 -14.06
N ASP B 54 -20.30 6.96 -15.12
CA ASP B 54 -20.88 5.63 -15.08
C ASP B 54 -19.94 4.58 -15.65
N ASP B 55 -18.63 4.87 -15.70
CA ASP B 55 -17.67 3.95 -16.31
C ASP B 55 -17.76 2.58 -15.63
N GLN B 56 -17.72 1.53 -16.44
CA GLN B 56 -17.93 0.19 -15.93
C GLN B 56 -16.71 -0.30 -15.14
N PHE B 57 -16.92 -1.37 -14.40
CA PHE B 57 -15.85 -2.00 -13.63
C PHE B 57 -14.80 -2.58 -14.55
N PHE B 58 -15.22 -3.14 -15.69
CA PHE B 58 -14.32 -3.82 -16.61
C PHE B 58 -13.47 -2.86 -17.45
N ASN B 59 -13.64 -1.56 -17.29
CA ASN B 59 -12.92 -0.58 -18.10
C ASN B 59 -11.73 0.03 -17.38
N GLY B 60 -11.49 -0.33 -16.13
CA GLY B 60 -10.38 0.26 -15.39
C GLY B 60 -9.04 -0.28 -15.85
N ASP B 61 -8.02 0.58 -15.77
CA ASP B 61 -6.67 0.20 -16.15
C ASP B 61 -6.20 -1.00 -15.34
N GLY B 62 -5.34 -1.81 -15.96
CA GLY B 62 -4.92 -3.06 -15.35
C GLY B 62 -3.83 -2.85 -14.32
N MET B 63 -4.04 -3.38 -13.12
CA MET B 63 -3.06 -3.36 -12.04
C MET B 63 -2.69 -4.80 -11.73
N VAL B 64 -1.43 -5.16 -11.95
CA VAL B 64 -0.97 -6.54 -11.85
C VAL B 64 -0.26 -6.73 -10.52
N SER B 65 -0.60 -7.81 -9.82
CA SER B 65 -0.01 -8.17 -8.55
C SER B 65 0.72 -9.50 -8.69
N LEU B 66 1.94 -9.54 -8.19
CA LEU B 66 2.79 -10.73 -8.16
C LEU B 66 3.06 -11.13 -6.72
N PHE B 67 2.74 -12.37 -6.38
CA PHE B 67 3.12 -12.99 -5.12
C PHE B 67 4.14 -14.07 -5.45
N ARG B 68 5.39 -13.84 -5.08
CA ARG B 68 6.45 -14.80 -5.33
C ARG B 68 6.64 -15.68 -4.10
N PHE B 69 6.38 -16.98 -4.26
CA PHE B 69 6.59 -17.97 -3.21
C PHE B 69 8.01 -18.52 -3.32
N HIS B 70 8.73 -18.52 -2.20
CA HIS B 70 10.05 -19.14 -2.13
C HIS B 70 10.43 -19.33 -0.67
N ASP B 71 10.79 -20.57 -0.31
CA ASP B 71 11.37 -20.88 1.00
C ASP B 71 10.43 -20.52 2.14
N GLY B 72 9.15 -20.78 1.96
CA GLY B 72 8.18 -20.45 2.98
C GLY B 72 7.88 -18.98 3.12
N LYS B 73 8.47 -18.14 2.28
CA LYS B 73 8.22 -16.70 2.29
C LYS B 73 7.48 -16.29 1.01
N ILE B 74 6.74 -15.20 1.11
CA ILE B 74 6.02 -14.64 -0.02
C ILE B 74 6.39 -13.17 -0.16
N ASP B 75 6.85 -12.77 -1.33
CA ASP B 75 7.10 -11.37 -1.64
C ASP B 75 5.96 -10.81 -2.47
N PHE B 76 5.63 -9.54 -2.25
CA PHE B 76 4.53 -8.87 -2.94
C PHE B 76 5.08 -7.76 -3.82
N ARG B 77 4.63 -7.72 -5.08
CA ARG B 77 4.90 -6.60 -5.98
C ARG B 77 3.62 -6.26 -6.72
N GLN B 78 3.43 -4.98 -7.01
CA GLN B 78 2.24 -4.55 -7.74
C GLN B 78 2.60 -3.38 -8.63
N ARG B 79 2.23 -3.48 -9.91
CA ARG B 79 2.58 -2.46 -10.89
C ARG B 79 1.44 -2.29 -11.90
N TYR B 80 1.34 -1.08 -12.45
CA TYR B 80 0.42 -0.84 -13.55
C TYR B 80 0.93 -1.50 -14.82
N ALA B 81 0.02 -2.14 -15.55
CA ALA B 81 0.35 -2.61 -16.89
C ALA B 81 0.39 -1.41 -17.83
N GLN B 82 1.58 -1.11 -18.36
CA GLN B 82 1.81 0.12 -19.11
C GLN B 82 1.33 -0.06 -20.56
N THR B 83 0.01 -0.14 -20.70
CA THR B 83 -0.61 -0.18 -22.01
C THR B 83 -0.41 1.15 -22.73
N ASP B 84 -0.69 1.15 -24.04
CA ASP B 84 -0.64 2.39 -24.80
C ASP B 84 -1.60 3.43 -24.22
N LYS B 85 -2.82 2.99 -23.87
CA LYS B 85 -3.78 3.86 -23.22
C LYS B 85 -3.21 4.44 -21.94
N TRP B 86 -2.61 3.59 -21.11
CA TRP B 86 -2.05 4.04 -19.85
C TRP B 86 -0.93 5.05 -20.07
N LYS B 87 -0.03 4.78 -21.03
CA LYS B 87 1.07 5.70 -21.32
C LYS B 87 0.55 7.07 -21.75
N VAL B 88 -0.36 7.08 -22.73
CA VAL B 88 -0.82 8.36 -23.27
C VAL B 88 -1.63 9.13 -22.23
N GLU B 89 -2.43 8.43 -21.43
CA GLU B 89 -3.22 9.13 -20.42
C GLU B 89 -2.36 9.63 -19.26
N ARG B 90 -1.30 8.89 -18.89
CA ARG B 90 -0.38 9.41 -17.89
C ARG B 90 0.34 10.65 -18.39
N LYS B 91 0.79 10.64 -19.66
CA LYS B 91 1.39 11.84 -20.23
C LYS B 91 0.39 13.00 -20.26
N ALA B 92 -0.89 12.70 -20.48
CA ALA B 92 -1.90 13.75 -20.50
C ALA B 92 -2.36 14.17 -19.10
N GLY B 93 -2.19 13.30 -18.11
CA GLY B 93 -2.63 13.60 -16.76
C GLY B 93 -4.12 13.45 -16.50
N LYS B 94 -4.90 13.04 -17.50
CA LYS B 94 -6.33 12.81 -17.31
C LYS B 94 -6.74 11.65 -18.21
N SER B 95 -8.01 11.25 -18.09
CA SER B 95 -8.53 10.16 -18.90
C SER B 95 -8.92 10.66 -20.29
N LEU B 96 -8.39 10.03 -21.32
CA LEU B 96 -8.69 10.37 -22.71
C LEU B 96 -9.63 9.39 -23.40
N PHE B 97 -9.55 8.11 -23.04
CA PHE B 97 -10.42 7.11 -23.63
C PHE B 97 -11.77 7.08 -22.91
N GLY B 98 -12.82 6.81 -23.69
CA GLY B 98 -14.18 6.88 -23.18
C GLY B 98 -14.71 5.63 -22.51
N ALA B 99 -15.99 5.35 -22.73
CA ALA B 99 -16.67 4.25 -22.05
C ALA B 99 -16.17 2.91 -22.58
N TYR B 100 -16.59 1.85 -21.89
CA TYR B 100 -16.18 0.47 -22.18
C TYR B 100 -16.47 0.06 -23.62
N ARG B 101 -15.41 -0.17 -24.39
CA ARG B 101 -15.51 -0.68 -25.76
C ARG B 101 -16.31 0.26 -26.67
N ASN B 102 -16.26 1.57 -26.40
CA ASN B 102 -17.05 2.55 -27.13
C ASN B 102 -16.13 3.63 -27.66
N PRO B 103 -15.51 3.42 -28.83
CA PRO B 103 -14.59 4.42 -29.37
C PRO B 103 -15.28 5.70 -29.84
N LEU B 104 -16.60 5.68 -30.03
CA LEU B 104 -17.32 6.89 -30.41
C LEU B 104 -17.29 7.95 -29.33
N THR B 105 -16.85 7.61 -28.12
CA THR B 105 -16.76 8.55 -27.01
C THR B 105 -15.31 8.89 -26.65
N ASP B 106 -14.34 8.42 -27.44
CA ASP B 106 -12.94 8.70 -27.17
C ASP B 106 -12.61 10.14 -27.55
N ASP B 107 -11.55 10.65 -26.93
CA ASP B 107 -11.04 11.96 -27.33
C ASP B 107 -10.35 11.86 -28.68
N ALA B 108 -10.39 12.96 -29.44
CA ALA B 108 -9.87 12.95 -30.80
C ALA B 108 -8.37 12.68 -30.87
N SER B 109 -7.63 12.96 -29.80
CA SER B 109 -6.17 12.82 -29.86
C SER B 109 -5.71 11.37 -29.87
N VAL B 110 -6.52 10.43 -29.38
CA VAL B 110 -6.12 9.04 -29.26
C VAL B 110 -6.91 8.15 -30.21
N GLN B 111 -7.52 8.73 -31.25
CA GLN B 111 -8.34 7.95 -32.16
C GLN B 111 -7.50 6.92 -32.90
N GLY B 112 -7.97 5.67 -32.91
CA GLY B 112 -7.28 4.59 -33.56
C GLY B 112 -6.31 3.82 -32.70
N MET B 113 -6.06 4.28 -31.47
CA MET B 113 -5.12 3.59 -30.60
C MET B 113 -5.76 2.34 -30.00
N ILE B 114 -4.91 1.50 -29.40
CA ILE B 114 -5.37 0.27 -28.79
C ILE B 114 -5.93 0.60 -27.41
N ARG B 115 -7.24 0.50 -27.27
CA ARG B 115 -7.95 0.90 -26.06
C ARG B 115 -7.92 -0.16 -24.97
N GLY B 116 -7.05 -1.16 -25.08
CA GLY B 116 -7.01 -2.20 -24.07
C GLY B 116 -6.36 -1.72 -22.78
N THR B 117 -6.88 -2.22 -21.66
CA THR B 117 -6.33 -1.93 -20.35
C THR B 117 -5.56 -3.11 -19.76
N ALA B 118 -5.57 -4.27 -20.43
CA ALA B 118 -4.85 -5.45 -19.96
C ALA B 118 -5.20 -5.79 -18.52
N ASN B 119 -6.48 -5.68 -18.20
CA ASN B 119 -6.94 -5.82 -16.81
C ASN B 119 -7.69 -7.13 -16.56
N THR B 120 -7.66 -8.06 -17.50
CA THR B 120 -8.49 -9.24 -17.40
C THR B 120 -7.73 -10.52 -17.07
N ASN B 121 -6.57 -10.76 -17.65
CA ASN B 121 -5.84 -11.96 -17.22
C ASN B 121 -4.33 -11.75 -17.34
N VAL B 122 -3.60 -12.51 -16.53
CA VAL B 122 -2.14 -12.50 -16.52
C VAL B 122 -1.64 -13.92 -16.34
N MET B 123 -0.80 -14.38 -17.26
CA MET B 123 -0.31 -15.75 -17.23
C MET B 123 1.13 -15.81 -17.73
N VAL B 124 1.97 -16.57 -17.03
CA VAL B 124 3.36 -16.72 -17.42
C VAL B 124 3.46 -17.75 -18.54
N HIS B 125 4.06 -17.34 -19.66
CA HIS B 125 4.28 -18.24 -20.77
C HIS B 125 5.51 -17.79 -21.55
N ALA B 126 6.28 -18.76 -22.05
CA ALA B 126 7.45 -18.51 -22.89
C ALA B 126 8.42 -17.53 -22.23
N GLY B 127 8.58 -17.69 -20.91
CA GLY B 127 9.52 -16.87 -20.16
C GLY B 127 9.06 -15.46 -19.87
N LYS B 128 7.91 -15.04 -20.40
CA LYS B 128 7.38 -13.70 -20.18
C LYS B 128 6.01 -13.80 -19.53
N LEU B 129 5.37 -12.64 -19.30
CA LEU B 129 4.06 -12.58 -18.68
C LEU B 129 3.08 -11.97 -19.67
N TYR B 130 2.09 -12.76 -20.09
CA TYR B 130 1.06 -12.32 -21.02
C TYR B 130 -0.06 -11.67 -20.21
N ALA B 131 -0.33 -10.40 -20.50
CA ALA B 131 -1.44 -9.66 -19.93
C ALA B 131 -2.48 -9.43 -21.01
N MET B 132 -3.73 -9.79 -20.71
CA MET B 132 -4.73 -10.03 -21.74
C MET B 132 -6.03 -9.29 -21.45
N LYS B 133 -6.59 -8.73 -22.52
CA LYS B 133 -7.91 -8.11 -22.57
C LYS B 133 -8.51 -8.41 -23.94
N GLU B 134 -9.78 -8.79 -23.96
CA GLU B 134 -10.41 -9.35 -25.15
C GLU B 134 -10.37 -8.43 -26.36
N ASP B 135 -10.37 -7.12 -26.16
CA ASP B 135 -10.54 -6.18 -27.26
C ASP B 135 -9.22 -5.64 -27.81
N SER B 136 -8.11 -6.31 -27.51
CA SER B 136 -6.80 -5.74 -27.78
C SER B 136 -5.80 -6.88 -27.90
N PRO B 137 -4.64 -6.64 -28.53
CA PRO B 137 -3.61 -7.69 -28.61
C PRO B 137 -3.07 -8.03 -27.25
N CYS B 138 -2.29 -9.11 -27.21
CA CYS B 138 -1.64 -9.51 -25.96
C CYS B 138 -0.51 -8.54 -25.61
N LEU B 139 -0.43 -8.17 -24.34
CA LEU B 139 0.64 -7.31 -23.86
C LEU B 139 1.68 -8.18 -23.15
N ILE B 140 2.95 -7.87 -23.36
CA ILE B 140 4.05 -8.65 -22.82
C ILE B 140 4.70 -7.85 -21.71
N MET B 141 4.93 -8.51 -20.57
CA MET B 141 5.53 -7.92 -19.39
C MET B 141 6.58 -8.87 -18.83
N ASP B 142 7.42 -8.35 -17.94
CA ASP B 142 8.40 -9.21 -17.27
C ASP B 142 7.75 -9.92 -16.10
N PRO B 143 7.90 -11.24 -15.97
CA PRO B 143 7.19 -11.97 -14.90
C PRO B 143 7.61 -11.57 -13.50
N LEU B 144 8.84 -11.12 -13.30
CA LEU B 144 9.35 -10.83 -11.96
C LEU B 144 9.44 -9.34 -11.66
N THR B 145 9.83 -8.51 -12.62
CA THR B 145 9.89 -7.07 -12.40
C THR B 145 8.57 -6.38 -12.70
N LEU B 146 7.65 -7.06 -13.39
CA LEU B 146 6.37 -6.51 -13.81
C LEU B 146 6.52 -5.26 -14.68
N GLU B 147 7.71 -5.04 -15.24
CA GLU B 147 7.89 -4.00 -16.25
C GLU B 147 7.18 -4.41 -17.53
N THR B 148 6.74 -3.41 -18.29
CA THR B 148 5.92 -3.62 -19.47
C THR B 148 6.78 -3.52 -20.73
N GLU B 149 6.84 -4.61 -21.49
CA GLU B 149 7.51 -4.56 -22.80
C GLU B 149 6.58 -3.99 -23.86
N GLY B 150 5.33 -4.47 -23.91
CA GLY B 150 4.34 -3.88 -24.79
C GLY B 150 3.58 -4.91 -25.60
N TYR B 151 2.70 -4.41 -26.46
CA TYR B 151 1.88 -5.29 -27.29
C TYR B 151 2.75 -6.05 -28.28
N THR B 152 2.33 -7.27 -28.59
CA THR B 152 3.06 -8.14 -29.49
C THR B 152 2.16 -8.63 -30.62
N ASN B 153 2.80 -8.98 -31.73
CA ASN B 153 2.15 -9.70 -32.82
C ASN B 153 2.81 -11.05 -33.08
N PHE B 154 3.66 -11.51 -32.17
CA PHE B 154 4.36 -12.79 -32.27
C PHE B 154 5.22 -12.85 -33.55
N ASP B 155 6.31 -12.07 -33.48
CA ASP B 155 7.31 -11.97 -34.54
C ASP B 155 6.73 -11.45 -35.85
N GLY B 156 5.54 -10.86 -35.82
CA GLY B 156 4.90 -10.33 -37.00
C GLY B 156 3.90 -11.25 -37.67
N LYS B 157 3.79 -12.49 -37.21
CA LYS B 157 2.98 -13.49 -37.91
C LYS B 157 1.49 -13.32 -37.65
N LEU B 158 1.10 -13.04 -36.40
CA LEU B 158 -0.32 -13.05 -36.04
C LEU B 158 -1.08 -11.98 -36.80
N GLN B 159 -2.13 -12.40 -37.51
CA GLN B 159 -2.96 -11.51 -38.29
C GLN B 159 -4.13 -10.94 -37.51
N SER B 160 -4.55 -11.61 -36.43
CA SER B 160 -5.71 -11.17 -35.66
C SER B 160 -5.41 -9.89 -34.89
N GLN B 161 -6.42 -9.01 -34.83
CA GLN B 161 -6.29 -7.77 -34.07
C GLN B 161 -6.47 -7.96 -32.57
N THR B 162 -7.17 -9.01 -32.16
CA THR B 162 -7.51 -9.21 -30.76
C THR B 162 -6.84 -10.48 -30.24
N PHE B 163 -7.02 -10.73 -28.95
CA PHE B 163 -6.42 -11.87 -28.26
C PHE B 163 -7.21 -12.10 -26.98
N CYS B 164 -7.73 -13.32 -26.81
CA CYS B 164 -8.62 -13.60 -25.70
C CYS B 164 -7.85 -13.52 -24.37
N ALA B 165 -8.62 -13.52 -23.29
CA ALA B 165 -8.06 -13.47 -21.95
C ALA B 165 -8.25 -14.78 -21.19
N HIS B 166 -8.47 -15.88 -21.88
CA HIS B 166 -8.67 -17.18 -21.24
C HIS B 166 -7.96 -18.29 -22.02
N PRO B 167 -6.64 -18.21 -22.17
CA PRO B 167 -5.92 -19.29 -22.85
C PRO B 167 -5.72 -20.49 -21.95
N LYS B 168 -5.62 -21.65 -22.58
CA LYS B 168 -5.38 -22.91 -21.89
C LYS B 168 -4.02 -23.46 -22.28
N ILE B 169 -3.37 -24.14 -21.35
CA ILE B 169 -2.03 -24.71 -21.55
C ILE B 169 -2.17 -26.19 -21.88
N ASP B 170 -1.72 -26.57 -23.06
CA ASP B 170 -1.75 -27.98 -23.45
C ASP B 170 -0.80 -28.78 -22.57
N PRO B 171 -1.29 -29.75 -21.78
CA PRO B 171 -0.43 -30.42 -20.81
C PRO B 171 0.56 -31.40 -21.41
N VAL B 172 0.61 -31.55 -22.73
CA VAL B 172 1.55 -32.44 -23.40
C VAL B 172 2.57 -31.65 -24.21
N THR B 173 2.10 -30.76 -25.07
CA THR B 173 2.98 -29.98 -25.93
C THR B 173 3.47 -28.70 -25.27
N GLY B 174 2.80 -28.24 -24.21
CA GLY B 174 3.16 -26.98 -23.59
C GLY B 174 2.72 -25.75 -24.34
N ASN B 175 1.93 -25.92 -25.40
CA ASN B 175 1.55 -24.79 -26.24
C ASN B 175 0.50 -23.94 -25.55
N LEU B 176 0.59 -22.63 -25.76
CA LEU B 176 -0.47 -21.70 -25.37
C LEU B 176 -1.62 -21.81 -26.37
N CYS B 177 -2.79 -22.21 -25.90
CA CYS B 177 -3.96 -22.39 -26.75
C CYS B 177 -4.98 -21.30 -26.40
N ALA B 178 -5.14 -20.33 -27.30
CA ALA B 178 -6.02 -19.19 -27.08
C ALA B 178 -6.93 -19.03 -28.29
N PHE B 179 -7.73 -17.97 -28.27
CA PHE B 179 -8.59 -17.64 -29.40
C PHE B 179 -8.75 -16.13 -29.47
N ALA B 180 -9.56 -15.68 -30.42
CA ALA B 180 -9.81 -14.26 -30.61
C ALA B 180 -11.14 -14.09 -31.31
N TYR B 181 -11.97 -13.19 -30.77
CA TYR B 181 -13.23 -12.81 -31.38
C TYR B 181 -13.20 -11.33 -31.72
N GLY B 182 -13.91 -10.95 -32.77
CA GLY B 182 -13.74 -9.62 -33.33
C GLY B 182 -12.37 -9.43 -33.92
N ALA B 183 -11.81 -10.46 -34.54
CA ALA B 183 -10.41 -10.46 -34.95
C ALA B 183 -10.10 -9.44 -36.03
N LYS B 184 -11.12 -8.91 -36.71
CA LYS B 184 -10.91 -7.88 -37.72
C LYS B 184 -11.54 -6.56 -37.34
N GLY B 185 -11.58 -6.26 -36.04
CA GLY B 185 -12.17 -5.03 -35.55
C GLY B 185 -13.41 -5.29 -34.72
N LEU B 186 -13.89 -4.21 -34.10
CA LEU B 186 -15.12 -4.28 -33.34
C LEU B 186 -16.29 -4.64 -34.25
N MET B 187 -17.22 -5.45 -33.71
CA MET B 187 -18.48 -5.79 -34.38
C MET B 187 -18.25 -6.59 -35.66
N THR B 188 -17.14 -7.31 -35.74
CA THR B 188 -16.85 -8.18 -36.87
C THR B 188 -16.98 -9.64 -36.45
N LEU B 189 -17.58 -10.44 -37.34
CA LEU B 189 -17.85 -11.85 -37.06
C LEU B 189 -16.60 -12.74 -37.12
N ASP B 190 -15.43 -12.17 -37.37
CA ASP B 190 -14.23 -12.98 -37.56
C ASP B 190 -13.75 -13.58 -36.24
N MET B 191 -13.35 -14.84 -36.29
CA MET B 191 -12.85 -15.56 -35.13
C MET B 191 -11.55 -16.27 -35.51
N ALA B 192 -10.74 -16.57 -34.51
CA ALA B 192 -9.52 -17.32 -34.76
C ALA B 192 -9.19 -18.18 -33.55
N TYR B 193 -8.76 -19.42 -33.83
CA TYR B 193 -8.12 -20.27 -32.82
C TYR B 193 -6.61 -20.16 -33.00
N ILE B 194 -5.89 -20.06 -31.89
CA ILE B 194 -4.48 -19.68 -31.90
C ILE B 194 -3.70 -20.66 -31.04
N GLU B 195 -2.55 -21.11 -31.54
CA GLU B 195 -1.61 -21.89 -30.75
C GLU B 195 -0.22 -21.28 -30.89
N ILE B 196 0.40 -21.02 -29.74
CA ILE B 196 1.74 -20.45 -29.59
C ILE B 196 2.67 -21.50 -29.01
N SER B 197 3.88 -21.59 -29.56
CA SER B 197 4.86 -22.55 -29.09
C SER B 197 5.36 -22.16 -27.69
N PRO B 198 5.95 -23.12 -26.97
CA PRO B 198 6.52 -22.80 -25.64
C PRO B 198 7.66 -21.80 -25.67
N THR B 199 8.14 -21.41 -26.85
CA THR B 199 9.17 -20.39 -26.99
C THR B 199 8.60 -19.07 -27.51
N GLY B 200 7.28 -18.96 -27.61
CA GLY B 200 6.64 -17.74 -28.03
C GLY B 200 6.37 -17.61 -29.51
N LYS B 201 6.64 -18.64 -30.30
CA LYS B 201 6.45 -18.58 -31.74
C LYS B 201 5.02 -18.99 -32.08
N LEU B 202 4.36 -18.18 -32.89
CA LEU B 202 3.02 -18.53 -33.36
C LEU B 202 3.07 -19.80 -34.18
N LEU B 203 2.26 -20.79 -33.79
CA LEU B 203 2.21 -22.06 -34.50
C LEU B 203 1.03 -22.16 -35.43
N LYS B 204 -0.19 -21.94 -34.92
CA LYS B 204 -1.34 -21.96 -35.81
C LYS B 204 -2.29 -20.80 -35.50
N GLU B 205 -2.92 -20.28 -36.56
CA GLU B 205 -3.99 -19.27 -36.46
C GLU B 205 -5.09 -19.66 -37.46
N ILE B 206 -6.05 -20.45 -36.98
CA ILE B 206 -7.11 -20.99 -37.81
C ILE B 206 -8.31 -20.04 -37.74
N PRO B 207 -8.66 -19.36 -38.82
CA PRO B 207 -9.80 -18.45 -38.80
C PRO B 207 -11.12 -19.13 -39.13
N PHE B 208 -12.20 -18.57 -38.59
CA PHE B 208 -13.55 -19.00 -38.90
C PHE B 208 -14.52 -17.85 -38.61
N GLN B 209 -15.82 -18.13 -38.67
CA GLN B 209 -16.85 -17.13 -38.47
C GLN B 209 -17.76 -17.51 -37.30
N ASN B 210 -18.35 -16.48 -36.68
CA ASN B 210 -19.19 -16.63 -35.50
C ASN B 210 -20.67 -16.42 -35.86
N PRO B 211 -21.58 -17.12 -35.17
CA PRO B 211 -23.01 -16.92 -35.46
C PRO B 211 -23.51 -15.49 -35.26
N TYR B 212 -23.12 -14.81 -34.18
CA TYR B 212 -23.54 -13.45 -33.93
C TYR B 212 -22.32 -12.55 -33.72
N TYR B 213 -22.61 -11.25 -33.59
CA TYR B 213 -21.70 -10.30 -32.96
C TYR B 213 -21.95 -10.43 -31.46
N CYS B 214 -21.27 -11.38 -30.83
CA CYS B 214 -21.52 -11.69 -29.43
C CYS B 214 -20.20 -11.81 -28.68
N MET B 215 -20.28 -11.69 -27.37
CA MET B 215 -19.10 -11.81 -26.53
C MET B 215 -18.65 -13.26 -26.44
N MET B 216 -17.38 -13.50 -26.77
CA MET B 216 -16.73 -14.79 -26.59
C MET B 216 -15.65 -14.60 -25.53
N HIS B 217 -16.06 -14.70 -24.27
CA HIS B 217 -15.14 -14.43 -23.16
C HIS B 217 -14.23 -15.62 -22.88
N ASP B 218 -14.80 -16.81 -22.77
CA ASP B 218 -14.04 -18.01 -22.45
C ASP B 218 -14.37 -19.09 -23.49
N PHE B 219 -13.57 -20.14 -23.49
CA PHE B 219 -13.78 -21.26 -24.40
C PHE B 219 -13.11 -22.49 -23.80
N GLY B 220 -13.28 -23.63 -24.47
CA GLY B 220 -12.71 -24.89 -24.01
C GLY B 220 -11.72 -25.44 -25.01
N VAL B 221 -10.80 -26.25 -24.50
CA VAL B 221 -9.83 -26.97 -25.33
C VAL B 221 -9.78 -28.41 -24.83
N THR B 222 -9.93 -29.36 -25.75
CA THR B 222 -9.79 -30.79 -25.46
C THR B 222 -8.54 -31.31 -26.16
N GLU B 223 -8.32 -32.63 -26.03
CA GLU B 223 -7.16 -33.23 -26.68
C GLU B 223 -7.23 -33.07 -28.19
N ASP B 224 -8.43 -33.12 -28.76
CA ASP B 224 -8.61 -33.11 -30.21
C ASP B 224 -9.34 -31.89 -30.75
N TYR B 225 -10.18 -31.23 -29.93
CA TYR B 225 -11.03 -30.17 -30.44
C TYR B 225 -10.88 -28.91 -29.60
N ALA B 226 -11.33 -27.80 -30.18
CA ALA B 226 -11.52 -26.54 -29.50
C ALA B 226 -13.02 -26.24 -29.46
N VAL B 227 -13.50 -25.86 -28.29
CA VAL B 227 -14.93 -25.69 -28.02
C VAL B 227 -15.21 -24.21 -27.79
N PHE B 228 -16.23 -23.69 -28.47
CA PHE B 228 -16.61 -22.29 -28.37
C PHE B 228 -18.08 -22.21 -27.99
N ALA B 229 -18.35 -21.67 -26.81
CA ALA B 229 -19.72 -21.46 -26.35
C ALA B 229 -20.20 -20.09 -26.83
N VAL B 230 -21.24 -20.07 -27.64
CA VAL B 230 -21.77 -18.84 -28.23
C VAL B 230 -23.10 -18.54 -27.55
N MET B 231 -23.16 -17.44 -26.81
CA MET B 231 -24.40 -17.00 -26.20
C MET B 231 -24.81 -15.66 -26.78
N PRO B 232 -26.12 -15.37 -26.84
CA PRO B 232 -26.58 -14.15 -27.52
C PRO B 232 -26.40 -12.88 -26.70
N LEU B 233 -25.24 -12.73 -26.05
CA LEU B 233 -24.86 -11.46 -25.44
C LEU B 233 -24.38 -10.54 -26.56
N LEU B 234 -25.32 -9.85 -27.18
CA LEU B 234 -25.10 -9.18 -28.46
C LEU B 234 -24.54 -7.78 -28.27
N SER B 235 -23.94 -7.27 -29.34
CA SER B 235 -23.50 -5.88 -29.43
C SER B 235 -23.96 -5.32 -30.77
N SER B 236 -24.34 -4.04 -30.77
CA SER B 236 -24.79 -3.37 -31.98
C SER B 236 -24.09 -2.01 -32.11
N TRP B 237 -23.58 -1.74 -33.31
CA TRP B 237 -23.01 -0.43 -33.59
C TRP B 237 -24.08 0.67 -33.47
N ASP B 238 -25.30 0.36 -33.90
CA ASP B 238 -26.42 1.26 -33.68
C ASP B 238 -26.57 1.58 -32.20
N ARG B 239 -26.45 0.56 -31.34
CA ARG B 239 -26.61 0.79 -29.91
C ARG B 239 -25.45 1.59 -29.32
N LEU B 240 -24.26 1.49 -29.90
CA LEU B 240 -23.16 2.37 -29.47
C LEU B 240 -23.45 3.81 -29.86
N GLU B 241 -24.00 4.02 -31.06
CA GLU B 241 -24.38 5.37 -31.47
C GLU B 241 -25.45 5.96 -30.55
N GLN B 242 -26.23 5.12 -29.88
CA GLN B 242 -27.27 5.57 -28.95
C GLN B 242 -26.77 5.66 -27.51
N ARG B 243 -25.46 5.56 -27.30
CA ARG B 243 -24.84 5.73 -25.98
C ARG B 243 -25.43 4.79 -24.93
N LEU B 244 -25.55 3.53 -25.30
CA LEU B 244 -26.00 2.45 -24.44
C LEU B 244 -24.84 1.50 -24.14
N PRO B 245 -24.97 0.64 -23.12
CA PRO B 245 -23.90 -0.32 -22.83
C PRO B 245 -23.57 -1.20 -24.03
N PHE B 246 -22.27 -1.52 -24.15
CA PHE B 246 -21.78 -2.21 -25.35
C PHE B 246 -22.43 -3.59 -25.53
N PHE B 247 -22.64 -4.31 -24.43
CA PHE B 247 -23.20 -5.66 -24.51
C PHE B 247 -24.66 -5.65 -24.06
N GLY B 248 -25.39 -6.63 -24.56
CA GLY B 248 -26.82 -6.72 -24.33
C GLY B 248 -27.40 -8.08 -24.69
N PHE B 249 -28.08 -8.70 -23.74
CA PHE B 249 -28.44 -10.11 -23.81
C PHE B 249 -29.84 -10.27 -24.41
N ASP B 250 -29.92 -11.02 -25.51
CA ASP B 250 -31.19 -11.35 -26.14
C ASP B 250 -31.69 -12.67 -25.57
N THR B 251 -32.89 -12.65 -24.99
CA THR B 251 -33.46 -13.85 -24.39
C THR B 251 -34.24 -14.72 -25.37
N THR B 252 -34.36 -14.30 -26.63
CA THR B 252 -35.07 -15.08 -27.64
C THR B 252 -34.16 -15.94 -28.50
N LEU B 253 -32.93 -15.50 -28.76
CA LEU B 253 -32.02 -16.21 -29.63
C LEU B 253 -31.45 -17.44 -28.92
N PRO B 254 -31.05 -18.47 -29.67
CA PRO B 254 -30.55 -19.70 -29.06
C PRO B 254 -29.08 -19.57 -28.71
N CYS B 255 -28.54 -20.63 -28.11
CA CYS B 255 -27.12 -20.72 -27.80
C CYS B 255 -26.48 -21.79 -28.66
N TYR B 256 -25.24 -21.55 -29.08
CA TYR B 256 -24.53 -22.50 -29.92
C TYR B 256 -23.30 -23.03 -29.20
N LEU B 257 -22.82 -24.16 -29.71
CA LEU B 257 -21.58 -24.78 -29.25
C LEU B 257 -20.82 -25.21 -30.50
N GLY B 258 -19.70 -24.56 -30.77
CA GLY B 258 -18.91 -24.85 -31.95
C GLY B 258 -17.70 -25.69 -31.60
N ILE B 259 -17.56 -26.83 -32.28
CA ILE B 259 -16.46 -27.76 -32.09
C ILE B 259 -15.60 -27.72 -33.35
N LEU B 260 -14.32 -27.40 -33.16
CA LEU B 260 -13.37 -27.26 -34.27
C LEU B 260 -12.21 -28.22 -34.07
N PRO B 261 -11.92 -29.12 -35.00
CA PRO B 261 -10.72 -29.96 -34.87
C PRO B 261 -9.46 -29.11 -34.81
N ARG B 262 -8.61 -29.41 -33.84
CA ARG B 262 -7.41 -28.60 -33.64
C ARG B 262 -6.45 -28.69 -34.81
N ASN B 263 -6.41 -29.85 -35.48
CA ASN B 263 -5.61 -29.98 -36.70
C ASN B 263 -6.52 -29.97 -37.91
N GLY B 264 -7.37 -28.96 -38.02
CA GLY B 264 -8.27 -28.78 -39.14
C GLY B 264 -8.40 -27.32 -39.51
N ASP B 265 -9.53 -26.93 -40.06
CA ASP B 265 -9.77 -25.54 -40.42
C ASP B 265 -11.27 -25.26 -40.36
N ALA B 266 -11.69 -24.12 -40.89
CA ALA B 266 -13.08 -23.69 -40.77
C ALA B 266 -14.04 -24.66 -41.43
N ARG B 267 -13.59 -25.38 -42.46
CA ARG B 267 -14.45 -26.36 -43.12
C ARG B 267 -14.84 -27.50 -42.19
N ASP B 268 -13.99 -27.83 -41.23
CA ASP B 268 -14.24 -28.91 -40.28
C ASP B 268 -15.07 -28.49 -39.08
N LEU B 269 -15.49 -27.23 -39.02
CA LEU B 269 -16.18 -26.70 -37.85
C LEU B 269 -17.64 -27.19 -37.80
N ARG B 270 -18.05 -27.69 -36.65
CA ARG B 270 -19.42 -28.18 -36.47
C ARG B 270 -20.14 -27.38 -35.38
N TRP B 271 -21.36 -26.95 -35.68
CA TRP B 271 -22.16 -26.14 -34.77
C TRP B 271 -23.30 -26.98 -34.22
N PHE B 272 -23.49 -26.92 -32.89
CA PHE B 272 -24.63 -27.51 -32.22
C PHE B 272 -25.45 -26.41 -31.57
N LYS B 273 -26.73 -26.69 -31.30
CA LYS B 273 -27.66 -25.67 -30.87
C LYS B 273 -28.41 -26.13 -29.63
N THR B 274 -28.72 -25.17 -28.75
CA THR B 274 -29.44 -25.43 -27.51
C THR B 274 -30.17 -24.17 -27.10
N GLY B 275 -30.97 -24.29 -26.03
CA GLY B 275 -31.86 -23.22 -25.64
C GLY B 275 -31.13 -22.00 -25.12
N ASN B 276 -31.85 -20.88 -25.10
CA ASN B 276 -31.28 -19.61 -24.64
C ASN B 276 -30.84 -19.71 -23.19
N CYS B 277 -29.68 -19.11 -22.90
CA CYS B 277 -29.09 -19.11 -21.56
C CYS B 277 -27.87 -18.20 -21.58
N PHE B 278 -27.21 -18.11 -20.42
CA PHE B 278 -26.00 -17.31 -20.25
C PHE B 278 -24.90 -18.23 -19.77
N VAL B 279 -23.78 -18.26 -20.49
CA VAL B 279 -22.66 -19.15 -20.17
C VAL B 279 -21.57 -18.36 -19.47
N GLY B 280 -20.91 -19.00 -18.51
CA GLY B 280 -19.84 -18.36 -17.77
C GLY B 280 -18.46 -18.92 -18.10
N HIS B 281 -17.58 -18.95 -17.12
CA HIS B 281 -16.21 -19.41 -17.34
C HIS B 281 -16.15 -20.93 -17.47
N VAL B 282 -15.27 -21.39 -18.34
CA VAL B 282 -15.12 -22.83 -18.57
C VAL B 282 -14.23 -23.41 -17.48
N MET B 283 -14.81 -24.26 -16.64
CA MET B 283 -13.99 -25.01 -15.68
C MET B 283 -12.97 -25.86 -16.41
N ASN B 284 -13.44 -26.77 -17.26
CA ASN B 284 -12.58 -27.57 -18.12
C ASN B 284 -13.40 -28.07 -19.30
N ALA B 285 -12.73 -28.77 -20.21
CA ALA B 285 -13.38 -29.40 -21.35
C ALA B 285 -12.49 -30.54 -21.83
N PHE B 286 -13.12 -31.62 -22.27
CA PHE B 286 -12.34 -32.77 -22.73
C PHE B 286 -13.20 -33.63 -23.65
N ASN B 287 -12.53 -34.43 -24.48
CA ASN B 287 -13.21 -35.31 -25.41
C ASN B 287 -12.84 -36.76 -25.15
N ASP B 288 -13.85 -37.61 -25.19
CA ASP B 288 -13.70 -39.07 -25.20
C ASP B 288 -14.13 -39.51 -26.59
N GLY B 289 -13.16 -39.81 -27.43
CA GLY B 289 -13.48 -40.10 -28.83
C GLY B 289 -14.10 -38.88 -29.48
N THR B 290 -15.25 -39.09 -30.10
CA THR B 290 -16.00 -37.99 -30.70
C THR B 290 -16.90 -37.28 -29.69
N LYS B 291 -17.08 -37.82 -28.50
CA LYS B 291 -17.89 -37.18 -27.47
C LYS B 291 -17.12 -36.02 -26.85
N VAL B 292 -17.75 -34.85 -26.81
CA VAL B 292 -17.11 -33.64 -26.31
C VAL B 292 -17.91 -33.12 -25.12
N HIS B 293 -17.24 -33.01 -23.97
CA HIS B 293 -17.83 -32.45 -22.75
C HIS B 293 -17.17 -31.12 -22.44
N ILE B 294 -17.97 -30.16 -21.97
CA ILE B 294 -17.46 -28.89 -21.48
C ILE B 294 -18.24 -28.49 -20.23
N ASP B 295 -17.53 -27.99 -19.21
CA ASP B 295 -18.13 -27.67 -17.93
C ASP B 295 -18.05 -26.17 -17.68
N MET B 296 -19.18 -25.58 -17.28
CA MET B 296 -19.25 -24.13 -17.08
C MET B 296 -20.52 -23.76 -16.32
N PRO B 297 -20.52 -22.66 -15.56
CA PRO B 297 -21.77 -22.19 -14.94
C PRO B 297 -22.72 -21.62 -15.98
N VAL B 298 -23.98 -22.06 -15.92
CA VAL B 298 -25.03 -21.60 -16.81
C VAL B 298 -26.13 -20.95 -15.97
N SER B 299 -26.72 -19.87 -16.51
CA SER B 299 -27.75 -19.13 -15.82
C SER B 299 -28.73 -18.56 -16.84
N ARG B 300 -29.86 -18.06 -16.33
CA ARG B 300 -30.88 -17.47 -17.22
C ARG B 300 -30.40 -16.17 -17.84
N ASN B 301 -29.92 -15.24 -17.02
CA ASN B 301 -29.48 -13.94 -17.53
C ASN B 301 -28.09 -13.56 -17.03
N ASN B 302 -27.88 -12.26 -16.82
CA ASN B 302 -26.59 -11.74 -16.40
C ASN B 302 -26.07 -12.47 -15.17
N SER B 303 -24.87 -13.02 -15.28
CA SER B 303 -24.30 -13.80 -14.18
C SER B 303 -23.55 -12.95 -13.17
N PHE B 304 -23.43 -11.64 -13.41
CA PHE B 304 -22.75 -10.74 -12.48
C PHE B 304 -23.22 -9.32 -12.72
N PRO B 305 -23.53 -8.55 -11.67
CA PRO B 305 -23.93 -7.15 -11.88
C PRO B 305 -22.79 -6.25 -12.33
N PHE B 306 -21.55 -6.73 -12.30
CA PHE B 306 -20.46 -6.00 -12.93
C PHE B 306 -20.74 -5.74 -14.40
N PHE B 307 -21.48 -6.64 -15.06
CA PHE B 307 -21.89 -6.40 -16.44
C PHE B 307 -23.05 -5.40 -16.44
N ASP B 308 -22.95 -4.40 -17.30
CA ASP B 308 -24.04 -3.47 -17.55
C ASP B 308 -24.63 -3.86 -18.90
N VAL B 309 -25.78 -4.54 -18.86
CA VAL B 309 -26.43 -5.06 -20.06
C VAL B 309 -27.62 -4.19 -20.42
N HIS B 310 -27.97 -4.19 -21.71
CA HIS B 310 -29.10 -3.42 -22.19
C HIS B 310 -30.41 -4.05 -21.75
N GLY B 311 -31.44 -3.22 -21.57
CA GLY B 311 -32.74 -3.71 -21.17
C GLY B 311 -33.07 -3.40 -19.72
N ALA B 312 -33.44 -4.44 -18.97
CA ALA B 312 -33.71 -4.22 -17.55
C ALA B 312 -32.43 -4.38 -16.75
N PRO B 313 -32.31 -3.68 -15.61
CA PRO B 313 -31.13 -3.86 -14.75
C PRO B 313 -31.04 -5.26 -14.15
N PHE B 314 -30.20 -5.40 -13.13
CA PHE B 314 -29.78 -6.72 -12.66
C PHE B 314 -30.96 -7.48 -12.05
N ASP B 315 -31.16 -8.72 -12.53
CA ASP B 315 -32.13 -9.65 -11.96
C ASP B 315 -31.35 -10.59 -11.05
N PRO B 316 -31.43 -10.45 -9.73
CA PRO B 316 -30.52 -11.22 -8.86
C PRO B 316 -30.79 -12.70 -8.83
N VAL B 317 -31.99 -13.15 -9.17
CA VAL B 317 -32.32 -14.57 -9.10
C VAL B 317 -32.06 -15.27 -10.43
N ALA B 318 -32.38 -14.61 -11.55
CA ALA B 318 -32.10 -15.18 -12.86
C ALA B 318 -30.61 -15.31 -13.15
N GLY B 319 -29.78 -14.56 -12.43
CA GLY B 319 -28.35 -14.59 -12.64
C GLY B 319 -27.59 -15.69 -11.94
N GLN B 320 -28.26 -16.53 -11.15
CA GLN B 320 -27.60 -17.61 -10.43
C GLN B 320 -27.12 -18.66 -11.44
N GLY B 321 -25.81 -18.79 -11.58
CA GLY B 321 -25.24 -19.77 -12.48
C GLY B 321 -24.90 -21.06 -11.72
N PHE B 322 -25.20 -22.19 -12.35
CA PHE B 322 -24.91 -23.49 -11.78
C PHE B 322 -23.95 -24.23 -12.70
N LEU B 323 -22.98 -24.92 -12.10
CA LEU B 323 -22.01 -25.67 -12.89
C LEU B 323 -22.71 -26.77 -13.67
N THR B 324 -22.50 -26.78 -14.98
CA THR B 324 -23.23 -27.64 -15.90
C THR B 324 -22.27 -28.22 -16.92
N ARG B 325 -22.47 -29.50 -17.23
CA ARG B 325 -21.75 -30.19 -18.29
C ARG B 325 -22.62 -30.25 -19.53
N TRP B 326 -22.10 -29.74 -20.64
CA TRP B 326 -22.69 -29.93 -21.95
C TRP B 326 -21.91 -31.03 -22.67
N THR B 327 -22.65 -31.88 -23.39
CA THR B 327 -22.07 -33.04 -24.06
C THR B 327 -22.66 -33.14 -25.46
N VAL B 328 -21.79 -33.01 -26.47
CA VAL B 328 -22.14 -33.19 -27.86
C VAL B 328 -21.35 -34.38 -28.41
N ASP B 329 -21.73 -34.83 -29.60
CA ASP B 329 -21.06 -35.95 -30.24
C ASP B 329 -20.74 -35.60 -31.69
N MET B 330 -19.45 -35.63 -32.04
CA MET B 330 -19.03 -35.39 -33.41
C MET B 330 -19.43 -36.52 -34.35
N ALA B 331 -19.91 -37.64 -33.83
CA ALA B 331 -20.27 -38.81 -34.62
C ALA B 331 -21.77 -38.88 -34.94
N SER B 332 -22.53 -37.84 -34.58
CA SER B 332 -23.97 -37.80 -34.80
C SER B 332 -24.33 -36.81 -35.89
N ASN B 333 -25.52 -37.01 -36.48
CA ASN B 333 -26.08 -36.06 -37.43
C ASN B 333 -26.74 -34.90 -36.68
N GLY B 334 -27.15 -33.89 -37.42
CA GLY B 334 -27.90 -32.79 -36.84
C GLY B 334 -27.06 -31.91 -35.92
N ASP B 335 -27.76 -31.04 -35.20
CA ASP B 335 -27.15 -30.08 -34.28
C ASP B 335 -27.73 -30.22 -32.89
N SER B 336 -27.92 -31.45 -32.43
CA SER B 336 -28.52 -31.70 -31.13
C SER B 336 -27.48 -32.05 -30.09
N PHE B 337 -27.65 -31.53 -28.88
CA PHE B 337 -26.80 -31.92 -27.77
C PHE B 337 -27.11 -33.35 -27.34
N GLU B 338 -26.07 -34.06 -26.91
CA GLU B 338 -26.30 -35.38 -26.33
C GLU B 338 -26.79 -35.29 -24.90
N LYS B 339 -26.23 -34.39 -24.10
CA LYS B 339 -26.63 -34.32 -22.70
C LYS B 339 -26.31 -32.96 -22.12
N THR B 340 -27.18 -32.47 -21.23
CA THR B 340 -26.89 -31.34 -20.37
C THR B 340 -27.19 -31.76 -18.94
N GLU B 341 -26.22 -31.57 -18.05
CA GLU B 341 -26.35 -32.08 -16.68
C GLU B 341 -25.79 -31.07 -15.70
N ARG B 342 -26.63 -30.63 -14.76
CA ARG B 342 -26.17 -29.71 -13.73
C ARG B 342 -25.30 -30.47 -12.73
N LEU B 343 -24.08 -29.97 -12.52
CA LEU B 343 -23.10 -30.67 -11.70
C LEU B 343 -23.08 -30.21 -10.24
N PHE B 344 -23.60 -29.02 -9.95
CA PHE B 344 -23.49 -28.42 -8.63
C PHE B 344 -24.73 -27.58 -8.36
N ASP B 345 -25.35 -27.80 -7.20
CA ASP B 345 -26.67 -27.24 -6.92
C ASP B 345 -26.64 -25.88 -6.22
N ARG B 346 -25.45 -25.29 -6.03
CA ARG B 346 -25.38 -23.97 -5.44
C ARG B 346 -24.87 -22.96 -6.45
N PRO B 347 -25.36 -21.71 -6.41
CA PRO B 347 -24.89 -20.70 -7.38
C PRO B 347 -23.41 -20.43 -7.21
N ASP B 348 -22.66 -20.60 -8.30
CA ASP B 348 -21.21 -20.56 -8.25
C ASP B 348 -20.66 -19.90 -9.51
N GLU B 349 -19.38 -19.53 -9.44
CA GLU B 349 -18.66 -18.99 -10.58
C GLU B 349 -17.17 -19.13 -10.31
N PHE B 350 -16.36 -18.61 -11.24
CA PHE B 350 -14.90 -18.65 -11.22
C PHE B 350 -14.37 -20.06 -10.93
N PRO B 351 -14.59 -21.02 -11.81
CA PRO B 351 -14.15 -22.38 -11.54
C PRO B 351 -12.67 -22.60 -11.85
N ARG B 352 -12.09 -23.58 -11.15
CA ARG B 352 -10.67 -23.88 -11.26
C ARG B 352 -10.45 -25.38 -11.21
N ILE B 353 -9.39 -25.84 -11.87
CA ILE B 353 -9.02 -27.25 -11.92
C ILE B 353 -7.53 -27.39 -11.62
N ASP B 354 -7.12 -28.64 -11.39
CA ASP B 354 -5.71 -29.01 -11.42
C ASP B 354 -5.24 -28.86 -12.86
N GLU B 355 -4.55 -27.75 -13.15
CA GLU B 355 -4.21 -27.41 -14.53
C GLU B 355 -3.38 -28.49 -15.21
N ARG B 356 -2.79 -29.42 -14.45
CA ARG B 356 -2.09 -30.54 -15.07
C ARG B 356 -3.05 -31.42 -15.87
N TYR B 357 -4.33 -31.41 -15.51
CA TYR B 357 -5.35 -32.18 -16.21
C TYR B 357 -6.18 -31.34 -17.16
N ALA B 358 -5.67 -30.17 -17.55
CA ALA B 358 -6.37 -29.35 -18.53
C ALA B 358 -6.52 -30.11 -19.84
N THR B 359 -7.65 -29.87 -20.52
CA THR B 359 -7.99 -30.49 -21.80
C THR B 359 -8.27 -31.98 -21.69
N ARG B 360 -8.02 -32.59 -20.53
CA ARG B 360 -8.18 -34.01 -20.34
C ARG B 360 -9.28 -34.30 -19.32
N ALA B 361 -9.60 -35.58 -19.17
CA ALA B 361 -10.60 -36.00 -18.20
C ALA B 361 -10.10 -35.71 -16.78
N TYR B 362 -11.02 -35.26 -15.92
CA TYR B 362 -10.66 -34.79 -14.60
C TYR B 362 -11.82 -35.05 -13.65
N ARG B 363 -11.61 -34.72 -12.37
CA ARG B 363 -12.66 -34.90 -11.35
C ARG B 363 -12.70 -33.82 -10.28
N HIS B 364 -11.61 -33.12 -9.99
CA HIS B 364 -11.56 -32.17 -8.89
C HIS B 364 -11.67 -30.74 -9.40
N GLY B 365 -12.56 -29.97 -8.80
CA GLY B 365 -12.74 -28.58 -9.18
C GLY B 365 -12.95 -27.70 -7.96
N TRP B 366 -12.60 -26.43 -8.11
CA TRP B 366 -12.82 -25.43 -7.07
C TRP B 366 -13.52 -24.23 -7.67
N MET B 367 -14.20 -23.47 -6.81
CA MET B 367 -15.15 -22.47 -7.28
C MET B 367 -15.44 -21.46 -6.18
N LEU B 368 -15.93 -20.29 -6.61
CA LEU B 368 -16.50 -19.31 -5.70
C LEU B 368 -18.01 -19.50 -5.63
N ILE B 369 -18.56 -19.40 -4.42
CA ILE B 369 -19.97 -19.67 -4.16
C ILE B 369 -20.62 -18.42 -3.59
N LEU B 370 -21.73 -18.00 -4.21
CA LEU B 370 -22.54 -16.85 -3.81
C LEU B 370 -23.56 -17.35 -2.79
N ASP B 371 -23.20 -17.31 -1.52
CA ASP B 371 -24.07 -17.78 -0.44
C ASP B 371 -24.88 -16.62 0.12
N THR B 372 -26.16 -16.56 -0.25
CA THR B 372 -27.05 -15.52 0.25
C THR B 372 -27.64 -15.84 1.62
N GLU B 373 -27.53 -17.10 2.07
CA GLU B 373 -28.04 -17.50 3.38
C GLU B 373 -27.17 -17.00 4.52
N LYS B 374 -26.09 -16.32 4.23
CA LYS B 374 -25.13 -15.79 5.19
C LYS B 374 -25.32 -14.28 5.36
N PRO B 375 -24.99 -13.75 6.53
CA PRO B 375 -25.08 -12.30 6.74
C PRO B 375 -23.93 -11.56 6.09
N TYR B 376 -24.10 -10.25 5.96
CA TYR B 376 -23.06 -9.38 5.39
C TYR B 376 -23.21 -8.02 6.05
N GLU B 377 -22.32 -7.72 7.00
CA GLU B 377 -22.47 -6.59 7.91
C GLU B 377 -21.62 -5.38 7.50
N ALA B 378 -21.21 -5.29 6.24
CA ALA B 378 -20.35 -4.20 5.83
C ALA B 378 -21.14 -3.13 5.10
N PRO B 379 -21.13 -1.88 5.55
CA PRO B 379 -21.76 -0.81 4.78
C PRO B 379 -20.86 -0.38 3.63
N GLY B 380 -21.49 -0.01 2.51
CA GLY B 380 -20.76 0.37 1.33
C GLY B 380 -21.14 -0.44 0.11
N GLY B 381 -22.39 -0.91 0.09
CA GLY B 381 -22.98 -1.67 -0.99
C GLY B 381 -22.29 -3.00 -1.22
N ALA B 382 -22.30 -3.42 -2.50
CA ALA B 382 -21.59 -4.63 -2.95
C ALA B 382 -22.16 -5.91 -2.34
N PHE B 383 -23.49 -5.97 -2.18
CA PHE B 383 -24.12 -7.21 -1.73
C PHE B 383 -24.38 -8.19 -2.86
N TYR B 384 -24.33 -7.74 -4.11
CA TYR B 384 -24.82 -8.58 -5.20
C TYR B 384 -23.72 -9.45 -5.80
N ALA B 385 -22.59 -8.85 -6.16
CA ALA B 385 -21.46 -9.63 -6.65
C ALA B 385 -20.62 -10.17 -5.50
N LEU B 386 -21.27 -10.55 -4.40
CA LEU B 386 -20.57 -10.94 -3.18
C LEU B 386 -20.29 -12.44 -3.22
N THR B 387 -19.08 -12.81 -3.64
CA THR B 387 -18.64 -14.20 -3.67
C THR B 387 -17.98 -14.49 -2.32
N ASN B 388 -18.78 -14.93 -1.35
CA ASN B 388 -18.32 -15.05 0.03
C ASN B 388 -17.95 -16.46 0.45
N THR B 389 -18.10 -17.45 -0.43
CA THR B 389 -17.78 -18.83 -0.04
C THR B 389 -16.81 -19.44 -1.05
N LEU B 390 -15.95 -20.33 -0.57
CA LEU B 390 -15.06 -21.10 -1.43
C LEU B 390 -15.43 -22.57 -1.37
N GLY B 391 -15.65 -23.19 -2.53
CA GLY B 391 -16.13 -24.55 -2.58
C GLY B 391 -15.24 -25.45 -3.42
N HIS B 392 -15.18 -26.71 -3.00
CA HIS B 392 -14.49 -27.77 -3.72
C HIS B 392 -15.48 -28.88 -4.06
N ILE B 393 -15.50 -29.29 -5.32
CA ILE B 393 -16.41 -30.32 -5.81
C ILE B 393 -15.60 -31.48 -6.39
N ASP B 394 -16.01 -32.70 -6.03
CA ASP B 394 -15.51 -33.92 -6.65
C ASP B 394 -16.54 -34.34 -7.69
N LEU B 395 -16.19 -34.16 -8.97
CA LEU B 395 -17.15 -34.48 -10.03
C LEU B 395 -17.36 -35.98 -10.18
N ALA B 396 -16.41 -36.80 -9.75
CA ALA B 396 -16.57 -38.24 -9.86
C ALA B 396 -17.60 -38.79 -8.89
N THR B 397 -17.86 -38.10 -7.79
CA THR B 397 -18.80 -38.57 -6.78
C THR B 397 -19.88 -37.56 -6.40
N GLY B 398 -19.78 -36.32 -6.86
CA GLY B 398 -20.73 -35.30 -6.50
C GLY B 398 -20.55 -34.70 -5.12
N LYS B 399 -19.67 -35.26 -4.30
CA LYS B 399 -19.41 -34.68 -2.98
C LYS B 399 -18.77 -33.29 -3.11
N SER B 400 -19.14 -32.40 -2.21
CA SER B 400 -18.61 -31.05 -2.21
C SER B 400 -18.46 -30.56 -0.78
N SER B 401 -17.43 -29.75 -0.56
CA SER B 401 -17.22 -29.05 0.70
C SER B 401 -17.10 -27.56 0.42
N SER B 402 -17.24 -26.74 1.46
CA SER B 402 -17.16 -25.31 1.29
C SER B 402 -16.61 -24.67 2.55
N TRP B 403 -16.34 -23.37 2.44
CA TRP B 403 -15.78 -22.57 3.53
C TRP B 403 -16.31 -21.15 3.42
N TRP B 404 -16.88 -20.66 4.52
CA TRP B 404 -17.41 -19.30 4.59
C TRP B 404 -16.34 -18.35 5.13
N ALA B 405 -16.27 -17.16 4.52
CA ALA B 405 -15.27 -16.17 4.90
C ALA B 405 -15.74 -15.24 6.01
N GLY B 406 -16.94 -15.44 6.54
CA GLY B 406 -17.46 -14.59 7.59
C GLY B 406 -18.28 -13.44 7.04
N PRO B 407 -18.95 -12.70 7.93
CA PRO B 407 -19.81 -11.60 7.49
C PRO B 407 -19.06 -10.34 7.09
N ARG B 408 -17.73 -10.33 7.20
CA ARG B 408 -16.93 -9.17 6.84
C ARG B 408 -16.17 -9.33 5.52
N CYS B 409 -15.98 -10.55 5.05
CA CYS B 409 -15.02 -10.82 3.98
C CYS B 409 -15.69 -11.27 2.69
N ALA B 410 -14.93 -11.11 1.61
CA ALA B 410 -15.27 -11.65 0.30
C ALA B 410 -14.06 -12.40 -0.23
N ILE B 411 -14.27 -13.22 -1.26
CA ILE B 411 -13.19 -14.04 -1.80
C ILE B 411 -13.06 -13.76 -3.29
N GLN B 412 -11.82 -13.80 -3.77
CA GLN B 412 -11.52 -13.67 -5.18
C GLN B 412 -11.15 -15.03 -5.78
N GLU B 413 -10.92 -15.05 -7.09
CA GLU B 413 -10.73 -16.28 -7.85
C GLU B 413 -9.60 -17.12 -7.25
N PRO B 414 -9.86 -18.36 -6.85
CA PRO B 414 -8.82 -19.21 -6.28
C PRO B 414 -7.91 -19.77 -7.36
N CYS B 415 -6.91 -20.53 -6.92
CA CYS B 415 -5.93 -21.13 -7.82
C CYS B 415 -5.30 -22.33 -7.12
N PHE B 416 -5.10 -23.40 -7.87
CA PHE B 416 -4.58 -24.64 -7.32
C PHE B 416 -3.07 -24.73 -7.52
N ILE B 417 -2.41 -25.35 -6.55
CA ILE B 417 -0.97 -25.61 -6.61
C ILE B 417 -0.73 -27.05 -6.18
N PRO B 418 -0.01 -27.85 -6.97
CA PRO B 418 0.25 -29.24 -6.58
C PRO B 418 1.30 -29.38 -5.48
N ARG B 419 1.09 -30.40 -4.64
CA ARG B 419 2.04 -30.70 -3.57
C ARG B 419 3.38 -31.14 -4.15
N SER B 420 3.35 -31.91 -5.23
CA SER B 420 4.56 -32.35 -5.91
C SER B 420 4.24 -32.41 -7.39
N PRO B 421 5.26 -32.38 -8.25
CA PRO B 421 4.99 -32.43 -9.70
C PRO B 421 4.15 -33.65 -10.11
N ASP B 422 4.41 -34.81 -9.52
CA ASP B 422 3.69 -36.03 -9.86
C ASP B 422 2.78 -36.47 -8.73
N ALA B 423 2.04 -35.54 -8.15
CA ALA B 423 1.11 -35.83 -7.07
C ALA B 423 -0.27 -36.16 -7.64
N PRO B 424 -1.09 -36.91 -6.89
CA PRO B 424 -2.45 -37.21 -7.37
C PRO B 424 -3.22 -35.96 -7.76
N GLU B 425 -4.27 -36.13 -8.56
CA GLU B 425 -5.07 -34.99 -9.00
C GLU B 425 -5.66 -34.26 -7.81
N GLY B 426 -5.49 -32.94 -7.80
CA GLY B 426 -6.04 -32.14 -6.71
C GLY B 426 -5.38 -32.35 -5.37
N ASP B 427 -4.17 -32.92 -5.35
CA ASP B 427 -3.41 -33.11 -4.11
C ASP B 427 -2.48 -31.92 -3.94
N GLY B 428 -2.88 -30.97 -3.10
CA GLY B 428 -2.05 -29.80 -2.87
C GLY B 428 -2.75 -28.71 -2.10
N TYR B 429 -2.80 -27.52 -2.69
CA TYR B 429 -3.27 -26.33 -1.98
C TYR B 429 -4.10 -25.47 -2.93
N VAL B 430 -4.96 -24.66 -2.33
CA VAL B 430 -5.75 -23.69 -3.08
C VAL B 430 -5.55 -22.33 -2.42
N ILE B 431 -5.06 -21.37 -3.19
CA ILE B 431 -4.80 -20.03 -2.68
C ILE B 431 -5.84 -19.08 -3.24
N ALA B 432 -6.18 -18.06 -2.45
CA ALA B 432 -7.16 -17.07 -2.87
C ALA B 432 -7.04 -15.83 -1.99
N LEU B 433 -7.34 -14.67 -2.57
CA LEU B 433 -7.37 -13.43 -1.82
C LEU B 433 -8.69 -13.30 -1.06
N VAL B 434 -8.60 -13.31 0.27
CA VAL B 434 -9.73 -13.03 1.15
C VAL B 434 -9.66 -11.57 1.59
N ASP B 435 -10.77 -10.86 1.50
CA ASP B 435 -10.81 -9.42 1.66
C ASP B 435 -11.73 -9.07 2.82
N ASP B 436 -11.16 -8.57 3.91
CA ASP B 436 -11.90 -7.98 5.01
C ASP B 436 -12.29 -6.56 4.61
N HIS B 437 -13.60 -6.34 4.46
CA HIS B 437 -14.16 -5.06 4.04
C HIS B 437 -14.41 -4.11 5.19
N VAL B 438 -14.35 -4.60 6.43
CA VAL B 438 -14.50 -3.70 7.58
C VAL B 438 -13.17 -3.06 7.94
N ALA B 439 -12.13 -3.87 8.10
CA ALA B 439 -10.79 -3.37 8.38
C ALA B 439 -10.01 -3.03 7.13
N ASN B 440 -10.51 -3.39 5.95
CA ASN B 440 -9.85 -3.15 4.67
C ASN B 440 -8.46 -3.81 4.65
N TYR B 441 -8.47 -5.13 4.72
CA TYR B 441 -7.23 -5.90 4.67
C TYR B 441 -7.39 -7.10 3.75
N SER B 442 -6.34 -7.42 3.00
CA SER B 442 -6.33 -8.59 2.13
C SER B 442 -5.35 -9.63 2.66
N ASP B 443 -5.81 -10.87 2.76
CA ASP B 443 -4.96 -12.01 3.07
C ASP B 443 -4.88 -12.92 1.86
N LEU B 444 -3.66 -13.28 1.45
CA LEU B 444 -3.52 -14.37 0.49
C LEU B 444 -3.61 -15.66 1.29
N ALA B 445 -4.81 -16.23 1.35
CA ALA B 445 -5.08 -17.41 2.15
C ALA B 445 -4.74 -18.66 1.36
N ILE B 446 -4.22 -19.67 2.05
CA ILE B 446 -3.83 -20.94 1.49
C ILE B 446 -4.64 -22.01 2.21
N PHE B 447 -5.35 -22.83 1.46
CA PHE B 447 -6.16 -23.93 1.98
C PHE B 447 -5.58 -25.26 1.53
N ASP B 448 -5.92 -26.30 2.27
CA ASP B 448 -5.73 -27.66 1.77
C ASP B 448 -6.74 -27.91 0.67
N ALA B 449 -6.27 -28.35 -0.49
CA ALA B 449 -7.15 -28.50 -1.65
C ALA B 449 -8.26 -29.49 -1.41
N GLN B 450 -8.00 -30.53 -0.61
CA GLN B 450 -8.98 -31.55 -0.31
C GLN B 450 -9.80 -31.24 0.94
N HIS B 451 -9.37 -30.28 1.76
CA HIS B 451 -10.07 -29.95 3.01
C HIS B 451 -10.25 -28.43 3.12
N VAL B 452 -10.89 -27.84 2.10
CA VAL B 452 -11.17 -26.42 2.14
C VAL B 452 -12.11 -26.06 3.28
N ASP B 453 -12.91 -27.03 3.74
CA ASP B 453 -13.78 -26.79 4.89
C ASP B 453 -12.99 -26.52 6.16
N GLN B 454 -11.75 -26.98 6.24
CA GLN B 454 -10.92 -26.78 7.42
C GLN B 454 -10.35 -25.38 7.53
N GLY B 455 -10.77 -24.45 6.68
CA GLY B 455 -10.24 -23.11 6.69
C GLY B 455 -8.83 -23.05 6.16
N PRO B 456 -8.25 -21.86 6.13
CA PRO B 456 -6.86 -21.72 5.67
C PRO B 456 -5.87 -22.31 6.67
N ILE B 457 -4.82 -22.91 6.12
CA ILE B 457 -3.67 -23.31 6.93
C ILE B 457 -2.65 -22.19 7.06
N ALA B 458 -2.74 -21.15 6.24
CA ALA B 458 -1.83 -20.03 6.30
C ALA B 458 -2.48 -18.81 5.67
N ARG B 459 -2.07 -17.63 6.13
CA ARG B 459 -2.55 -16.37 5.59
C ARG B 459 -1.35 -15.44 5.44
N ALA B 460 -1.14 -14.93 4.23
CA ALA B 460 -0.19 -13.84 3.99
C ALA B 460 -0.95 -12.53 4.20
N LYS B 461 -0.79 -11.94 5.38
CA LYS B 461 -1.56 -10.77 5.76
C LYS B 461 -0.95 -9.51 5.15
N LEU B 462 -1.67 -8.87 4.27
CA LEU B 462 -1.20 -7.64 3.66
C LEU B 462 -1.70 -6.43 4.45
N PRO B 463 -0.91 -5.35 4.49
CA PRO B 463 -1.35 -4.14 5.19
C PRO B 463 -2.25 -3.25 4.35
N VAL B 464 -2.86 -3.81 3.31
CA VAL B 464 -3.79 -3.08 2.45
C VAL B 464 -4.77 -4.08 1.87
N ARG B 465 -5.93 -3.58 1.43
CA ARG B 465 -6.94 -4.41 0.80
C ARG B 465 -6.82 -4.28 -0.70
N ILE B 466 -6.59 -5.41 -1.37
CA ILE B 466 -6.49 -5.42 -2.82
C ILE B 466 -7.89 -5.34 -3.41
N ARG B 467 -8.06 -4.48 -4.42
CA ARG B 467 -9.35 -4.27 -5.05
C ARG B 467 -9.87 -5.56 -5.68
N GLN B 468 -11.16 -5.57 -5.97
CA GLN B 468 -11.78 -6.72 -6.64
C GLN B 468 -11.11 -6.95 -7.99
N GLY B 469 -10.60 -8.17 -8.19
CA GLY B 469 -9.83 -8.51 -9.37
C GLY B 469 -10.60 -9.38 -10.32
N LEU B 470 -9.84 -10.06 -11.20
CA LEU B 470 -10.45 -10.94 -12.19
C LEU B 470 -9.83 -12.32 -12.12
N HIS B 471 -8.77 -12.56 -12.90
CA HIS B 471 -8.18 -13.89 -13.00
C HIS B 471 -6.70 -13.85 -12.67
N GLY B 472 -6.22 -14.93 -12.03
CA GLY B 472 -4.82 -15.11 -11.78
C GLY B 472 -4.41 -16.54 -12.03
N ASN B 473 -3.10 -16.76 -12.06
CA ASN B 473 -2.55 -18.08 -12.37
C ASN B 473 -1.28 -18.31 -11.56
N TRP B 474 -0.99 -19.58 -11.33
CA TRP B 474 0.24 -20.00 -10.68
C TRP B 474 1.18 -20.59 -11.72
N ALA B 475 2.48 -20.36 -11.52
CA ALA B 475 3.51 -20.91 -12.40
C ALA B 475 4.69 -21.34 -11.54
N ASP B 476 5.12 -22.58 -11.72
CA ASP B 476 6.30 -23.06 -11.00
C ASP B 476 7.52 -22.26 -11.40
N ALA B 477 8.50 -22.21 -10.50
CA ALA B 477 9.72 -21.43 -10.77
C ALA B 477 10.43 -21.92 -12.01
N SER B 478 10.30 -23.20 -12.35
CA SER B 478 10.96 -23.75 -13.53
C SER B 478 10.49 -23.07 -14.82
N ARG B 479 9.27 -22.54 -14.84
CA ARG B 479 8.74 -21.88 -16.03
C ARG B 479 9.39 -20.53 -16.30
N LEU B 480 10.29 -20.06 -15.42
CA LEU B 480 11.04 -18.82 -15.62
C LEU B 480 12.39 -19.07 -16.28
N ALA B 481 12.44 -19.97 -17.26
CA ALA B 481 13.68 -20.27 -17.97
C ALA B 481 13.49 -20.19 -19.49
#